data_6XXV
#
_entry.id   6XXV
#
_cell.length_a   241.019
_cell.length_b   66.890
_cell.length_c   91.384
_cell.angle_alpha   90.000
_cell.angle_beta   110.811
_cell.angle_gamma   90.000
#
_symmetry.space_group_name_H-M   'C 1 2 1'
#
loop_
_entity.id
_entity.type
_entity.pdbx_description
1 polymer 'Antibody C57, Heavy Chain'
2 polymer 'Antibody C57, Light Chain'
3 polymer S2_1.2
4 water water
#
loop_
_entity_poly.entity_id
_entity_poly.type
_entity_poly.pdbx_seq_one_letter_code
_entity_poly.pdbx_strand_id
1 'polypeptide(L)'
;MGCVAETGEFTREVQLVESGGGLAKPGGSLRLSCAASGFTFSPYWMYWVRQAPGKGLEWVSVINSGGGITYYTDSVKGRF
TISRENAKNTLYLQMDSLRPEDTAVYYCVRDRTYYSGVYYTEDGLDSWGQGVLVTVSSASTKGPSVFPLAPSSKSTSGGT
AALGCLVKDYFPEPVTVSWNSGALTSGVHTFPAVLQSSGLYSLSSVVTVPSSSLGTQTYICNVNHKPSNTKVDKKVEPKS
CDGTKHHHHHH
;
A,D
2 'polypeptide(L)'
;MGCVAETGTRDIQMTQSPSSLSASVGDRVTVTCRAGQGVSNYLSWYQQKPGKVPKLLIYKASSLQSGVPSRFSGSGSGTE
FTLTISSLQPEDFATYYCLQHNIHPYSFGQGTKVEIKRTVAAPSVFIFPPSDEQLKSGTASVVCLLNNFYPREAKVQWKV
DNALQSGNSQESVTEQDSKDSTYSLSSTLTLSKADYEKHKVYACEVTHQGLSSPVTKSFNRGECGTKHHHHHH
;
B,E
3 'polypeptide(L)'
;MASREDMREEADEDFKSFVEAAKDNFNKFKARLRKGKITREHREMMKKLAKQNANKAKEAVRKRLSELLSKINDMPITND
QKKLMSNQVLQFADDAEAEIDQLAAKATKEFTGGSWLEHHHHHH
;
C,F
#
# COMPACT_ATOMS: atom_id res chain seq x y z
N VAL A 14 -1.87 -21.14 7.32
CA VAL A 14 -1.73 -19.99 8.19
C VAL A 14 -0.36 -20.10 8.90
N GLN A 15 0.67 -20.18 8.07
CA GLN A 15 2.03 -20.42 8.50
C GLN A 15 2.94 -19.33 7.94
N LEU A 16 4.15 -19.26 8.48
CA LEU A 16 5.22 -18.42 7.95
C LEU A 16 6.44 -19.29 7.72
N VAL A 17 6.97 -19.26 6.50
CA VAL A 17 8.16 -20.04 6.15
C VAL A 17 9.34 -19.08 5.97
N GLU A 18 10.48 -19.46 6.53
CA GLU A 18 11.67 -18.64 6.51
C GLU A 18 12.73 -19.26 5.62
N SER A 19 13.52 -18.40 4.97
CA SER A 19 14.56 -18.82 4.05
C SER A 19 15.83 -18.05 4.35
N GLY A 20 16.93 -18.51 3.75
CA GLY A 20 18.21 -17.87 3.95
C GLY A 20 18.90 -18.37 5.20
N GLY A 21 19.76 -17.51 5.76
CA GLY A 21 20.48 -17.85 6.97
C GLY A 21 21.54 -18.92 6.72
N GLY A 22 22.17 -19.34 7.83
CA GLY A 22 23.19 -20.37 7.80
C GLY A 22 24.53 -19.80 8.27
N LEU A 23 25.59 -20.27 7.59
CA LEU A 23 26.95 -19.88 7.94
C LEU A 23 27.38 -18.65 7.15
N ALA A 24 28.03 -17.71 7.83
CA ALA A 24 28.55 -16.51 7.20
C ALA A 24 29.77 -16.04 7.97
N LYS A 25 30.76 -15.53 7.24
CA LYS A 25 31.97 -15.05 7.87
C LYS A 25 31.77 -13.66 8.47
N PRO A 26 32.53 -13.32 9.52
CA PRO A 26 32.34 -12.02 10.17
C PRO A 26 32.48 -10.86 9.18
N GLY A 27 31.52 -9.94 9.23
CA GLY A 27 31.47 -8.84 8.30
C GLY A 27 30.70 -9.11 7.02
N GLY A 28 30.50 -10.38 6.68
CA GLY A 28 29.69 -10.72 5.53
C GLY A 28 28.24 -10.33 5.72
N SER A 29 27.44 -10.67 4.72
CA SER A 29 26.03 -10.31 4.71
C SER A 29 25.16 -11.49 4.33
N LEU A 30 24.04 -11.63 5.02
CA LEU A 30 22.96 -12.54 4.67
C LEU A 30 21.66 -11.77 4.66
N ARG A 31 20.58 -12.44 4.27
CA ARG A 31 19.28 -11.79 4.33
C ARG A 31 18.19 -12.86 4.43
N LEU A 32 17.29 -12.69 5.37
CA LEU A 32 16.25 -13.67 5.67
C LEU A 32 14.95 -13.28 4.97
N SER A 33 14.32 -14.26 4.34
CA SER A 33 12.99 -14.10 3.78
C SER A 33 11.97 -14.76 4.72
N CYS A 34 10.72 -14.32 4.61
CA CYS A 34 9.65 -14.87 5.43
C CYS A 34 8.36 -14.81 4.60
N ALA A 35 8.02 -15.93 3.96
CA ALA A 35 6.83 -16.01 3.12
C ALA A 35 5.63 -16.36 3.98
N ALA A 36 4.64 -15.47 4.00
CA ALA A 36 3.39 -15.68 4.73
C ALA A 36 2.32 -16.22 3.78
N SER A 37 1.34 -16.91 4.37
CA SER A 37 0.24 -17.47 3.58
C SER A 37 -0.90 -17.79 4.53
N GLY A 38 -2.08 -18.01 3.94
CA GLY A 38 -3.24 -18.44 4.68
C GLY A 38 -3.96 -17.35 5.45
N PHE A 39 -3.50 -16.10 5.39
CA PHE A 39 -4.14 -15.04 6.16
C PHE A 39 -3.80 -13.70 5.52
N THR A 40 -4.24 -12.64 6.19
CA THR A 40 -4.06 -11.25 5.73
C THR A 40 -2.71 -10.74 6.22
N PHE A 41 -1.72 -10.68 5.33
CA PHE A 41 -0.39 -10.23 5.74
C PHE A 41 -0.27 -8.71 5.80
N SER A 42 -1.12 -7.98 5.07
CA SER A 42 -0.93 -6.53 4.94
C SER A 42 -1.12 -5.77 6.24
N PRO A 43 -2.23 -5.93 6.99
CA PRO A 43 -2.51 -4.98 8.06
C PRO A 43 -1.72 -5.16 9.35
N TYR A 44 -0.98 -6.26 9.50
CA TYR A 44 -0.37 -6.60 10.79
C TYR A 44 1.07 -6.12 10.86
N TRP A 45 1.47 -5.67 12.06
CA TRP A 45 2.88 -5.46 12.33
C TRP A 45 3.62 -6.79 12.29
N MET A 46 4.88 -6.74 11.90
CA MET A 46 5.70 -7.94 11.79
C MET A 46 6.98 -7.78 12.61
N TYR A 47 7.43 -8.89 13.19
CA TYR A 47 8.59 -8.92 14.07
C TYR A 47 9.61 -9.93 13.56
N TRP A 48 10.88 -9.63 13.81
CA TRP A 48 11.95 -10.62 13.77
C TRP A 48 12.44 -10.79 15.20
N VAL A 49 12.42 -12.04 15.68
CA VAL A 49 12.86 -12.37 17.02
C VAL A 49 13.99 -13.39 16.91
N ARG A 50 15.04 -13.19 17.69
CA ARG A 50 16.18 -14.09 17.65
C ARG A 50 16.43 -14.68 19.03
N GLN A 51 17.15 -15.80 19.04
CA GLN A 51 17.45 -16.50 20.28
C GLN A 51 18.85 -17.11 20.12
N ALA A 52 19.83 -16.51 20.79
CA ALA A 52 21.16 -17.06 20.79
C ALA A 52 21.15 -18.44 21.45
N PRO A 53 22.04 -19.36 21.03
CA PRO A 53 22.01 -20.73 21.55
C PRO A 53 22.01 -20.79 23.07
N GLY A 54 20.96 -21.38 23.64
CA GLY A 54 20.86 -21.55 25.07
C GLY A 54 20.48 -20.32 25.85
N LYS A 55 20.15 -19.21 25.19
CA LYS A 55 19.77 -17.99 25.87
C LYS A 55 18.29 -17.68 25.62
N GLY A 56 17.86 -16.50 26.05
CA GLY A 56 16.45 -16.14 26.01
C GLY A 56 16.01 -15.55 24.68
N LEU A 57 14.71 -15.26 24.61
CA LEU A 57 14.14 -14.58 23.46
C LEU A 57 14.30 -13.07 23.57
N GLU A 58 14.37 -12.41 22.41
CA GLU A 58 14.47 -10.96 22.36
C GLU A 58 14.11 -10.49 20.95
N TRP A 59 13.39 -9.38 20.87
CA TRP A 59 13.05 -8.77 19.59
C TRP A 59 14.27 -8.12 18.97
N VAL A 60 14.32 -8.12 17.63
CA VAL A 60 15.41 -7.50 16.88
C VAL A 60 14.92 -6.40 15.94
N SER A 61 13.78 -6.61 15.28
CA SER A 61 13.30 -5.58 14.33
C SER A 61 11.80 -5.69 14.13
N VAL A 62 11.16 -4.52 13.95
CA VAL A 62 9.72 -4.38 13.81
C VAL A 62 9.42 -3.54 12.57
N ILE A 63 8.21 -3.69 12.04
CA ILE A 63 7.73 -2.87 10.92
C ILE A 63 6.21 -2.94 10.89
N ASN A 64 5.58 -1.92 10.29
CA ASN A 64 4.14 -1.78 10.22
C ASN A 64 3.55 -2.38 8.96
N SER A 65 2.29 -2.05 8.70
CA SER A 65 1.58 -2.34 7.46
C SER A 65 2.19 -1.46 6.36
N GLY A 66 3.30 -1.94 5.79
CA GLY A 66 3.95 -1.28 4.67
C GLY A 66 4.33 0.16 4.91
N GLY A 67 4.52 0.56 6.16
CA GLY A 67 4.81 1.94 6.50
C GLY A 67 6.28 2.19 6.77
N GLY A 68 6.57 3.41 7.20
CA GLY A 68 7.94 3.86 7.35
C GLY A 68 8.42 3.91 8.79
N ILE A 69 7.70 3.24 9.69
CA ILE A 69 8.11 3.13 11.08
C ILE A 69 8.75 1.76 11.27
N THR A 70 10.01 1.76 11.70
CA THR A 70 10.80 0.56 11.89
C THR A 70 11.60 0.69 13.17
N TYR A 71 11.61 -0.36 13.98
CA TYR A 71 12.41 -0.41 15.18
C TYR A 71 13.56 -1.41 15.00
N TYR A 72 14.69 -1.11 15.64
CA TYR A 72 15.83 -2.01 15.67
C TYR A 72 16.42 -1.95 17.07
N THR A 73 16.77 -3.11 17.63
CA THR A 73 17.40 -3.09 18.94
C THR A 73 18.79 -2.47 18.82
N ASP A 74 19.36 -2.12 19.98
CA ASP A 74 20.63 -1.39 19.98
C ASP A 74 21.75 -2.20 19.33
N SER A 75 21.71 -3.52 19.48
CA SER A 75 22.75 -4.42 18.99
C SER A 75 22.84 -4.46 17.46
N VAL A 76 22.10 -3.67 16.68
CA VAL A 76 21.91 -4.01 15.27
C VAL A 76 21.56 -2.75 14.47
N LYS A 77 21.67 -1.58 15.10
CA LYS A 77 21.39 -0.33 14.40
C LYS A 77 22.26 -0.19 13.16
N GLY A 78 21.64 0.21 12.05
CA GLY A 78 22.35 0.48 10.82
C GLY A 78 22.76 -0.74 10.04
N ARG A 79 23.05 -1.83 10.74
CA ARG A 79 23.53 -3.05 10.08
C ARG A 79 22.40 -3.76 9.35
N PHE A 80 21.32 -4.09 10.08
CA PHE A 80 20.21 -4.83 9.50
C PHE A 80 19.09 -3.87 9.13
N THR A 81 18.42 -4.14 8.01
CA THR A 81 17.30 -3.34 7.53
C THR A 81 16.11 -4.26 7.31
N ILE A 82 15.00 -3.98 7.99
CA ILE A 82 13.81 -4.80 7.87
C ILE A 82 12.98 -4.26 6.70
N SER A 83 12.91 -5.04 5.63
CA SER A 83 12.11 -4.71 4.46
C SER A 83 10.77 -5.44 4.52
N ARG A 84 9.84 -5.01 3.67
CA ARG A 84 8.50 -5.56 3.69
C ARG A 84 7.76 -5.15 2.43
N GLU A 85 6.99 -6.07 1.88
CA GLU A 85 5.99 -5.76 0.86
C GLU A 85 4.75 -6.59 1.14
N ASN A 86 3.59 -6.08 0.73
CA ASN A 86 2.33 -6.73 1.02
C ASN A 86 1.71 -7.40 -0.20
N ALA A 87 2.31 -7.25 -1.39
CA ALA A 87 1.77 -7.90 -2.58
C ALA A 87 2.10 -9.39 -2.57
N LYS A 88 3.39 -9.74 -2.49
CA LYS A 88 3.82 -11.12 -2.40
C LYS A 88 3.66 -11.69 -0.99
N ASN A 89 3.24 -10.87 -0.02
CA ASN A 89 3.07 -11.29 1.38
C ASN A 89 4.37 -11.88 1.94
N THR A 90 5.41 -11.05 1.95
CA THR A 90 6.74 -11.51 2.34
C THR A 90 7.42 -10.47 3.22
N LEU A 91 8.06 -10.95 4.28
CA LEU A 91 8.85 -10.12 5.19
C LEU A 91 10.33 -10.38 4.94
N TYR A 92 11.15 -9.36 5.16
CA TYR A 92 12.58 -9.45 4.90
C TYR A 92 13.37 -8.91 6.09
N LEU A 93 14.64 -9.34 6.15
CA LEU A 93 15.60 -8.82 7.13
C LEU A 93 16.99 -8.94 6.50
N GLN A 94 17.40 -7.88 5.80
CA GLN A 94 18.75 -7.81 5.29
C GLN A 94 19.73 -7.68 6.45
N MET A 95 20.80 -8.48 6.43
CA MET A 95 21.72 -8.57 7.55
C MET A 95 23.14 -8.29 7.07
N ASP A 96 23.61 -7.06 7.26
CA ASP A 96 24.96 -6.66 6.87
C ASP A 96 25.85 -6.51 8.10
N SER A 97 27.16 -6.64 7.86
CA SER A 97 28.19 -6.47 8.90
C SER A 97 27.94 -7.43 10.07
N LEU A 98 27.88 -8.72 9.74
CA LEU A 98 27.56 -9.74 10.73
C LEU A 98 28.69 -9.91 11.74
N ARG A 99 28.33 -10.10 13.00
CA ARG A 99 29.27 -10.17 14.11
C ARG A 99 29.04 -11.45 14.92
N PRO A 100 30.11 -12.00 15.50
CA PRO A 100 30.00 -13.28 16.23
C PRO A 100 28.80 -13.41 17.17
N GLU A 101 28.32 -12.32 17.76
CA GLU A 101 27.15 -12.39 18.63
C GLU A 101 25.84 -12.29 17.84
N ASP A 102 25.89 -12.31 16.51
CA ASP A 102 24.68 -12.46 15.71
C ASP A 102 24.28 -13.92 15.55
N THR A 103 25.03 -14.86 16.11
CA THR A 103 24.66 -16.27 16.05
C THR A 103 23.40 -16.48 16.87
N ALA A 104 22.31 -16.84 16.20
CA ALA A 104 21.04 -17.07 16.87
C ALA A 104 20.09 -17.76 15.91
N VAL A 105 18.99 -18.26 16.47
CA VAL A 105 17.86 -18.72 15.68
C VAL A 105 16.93 -17.54 15.50
N TYR A 106 16.66 -17.18 14.24
CA TYR A 106 15.83 -16.03 13.92
C TYR A 106 14.43 -16.50 13.53
N TYR A 107 13.42 -15.89 14.15
CA TYR A 107 12.02 -16.15 13.84
C TYR A 107 11.37 -14.89 13.29
N CYS A 108 10.51 -15.05 12.29
CA CYS A 108 9.61 -13.99 11.88
C CYS A 108 8.23 -14.25 12.49
N VAL A 109 7.70 -13.25 13.19
CA VAL A 109 6.48 -13.40 13.96
C VAL A 109 5.45 -12.37 13.49
N ARG A 110 4.18 -12.75 13.61
CA ARG A 110 3.06 -11.87 13.27
C ARG A 110 2.41 -11.34 14.53
N ASP A 111 2.12 -10.04 14.53
CA ASP A 111 1.35 -9.41 15.60
C ASP A 111 -0.12 -9.39 15.17
N ARG A 112 -0.90 -10.33 15.70
CA ARG A 112 -2.33 -10.39 15.37
C ARG A 112 -3.11 -9.34 16.16
N THR A 113 -2.79 -8.08 15.87
CA THR A 113 -3.41 -6.94 16.55
C THR A 113 -3.86 -5.94 15.50
N TYR A 114 -5.17 -5.69 15.45
CA TYR A 114 -5.74 -4.70 14.54
C TYR A 114 -7.13 -4.34 15.04
N TYR A 115 -7.44 -3.05 15.05
CA TYR A 115 -8.69 -2.53 15.60
C TYR A 115 -9.52 -1.91 14.48
N SER A 116 -10.72 -2.43 14.29
CA SER A 116 -11.61 -1.97 13.23
C SER A 116 -12.90 -1.36 13.76
N GLY A 117 -13.00 -1.15 15.08
CA GLY A 117 -14.19 -0.56 15.65
C GLY A 117 -15.27 -1.58 15.91
N VAL A 118 -15.88 -2.09 14.84
CA VAL A 118 -16.88 -3.14 14.97
C VAL A 118 -16.25 -4.46 15.41
N TYR A 119 -14.96 -4.64 15.15
CA TYR A 119 -14.26 -5.86 15.52
C TYR A 119 -12.80 -5.52 15.78
N TYR A 120 -12.13 -6.41 16.51
CA TYR A 120 -10.71 -6.24 16.78
C TYR A 120 -10.11 -7.57 17.22
N THR A 121 -8.80 -7.66 17.07
CA THR A 121 -8.00 -8.72 17.67
C THR A 121 -6.78 -8.08 18.31
N GLU A 122 -6.34 -8.65 19.43
CA GLU A 122 -5.15 -8.16 20.11
C GLU A 122 -4.43 -9.34 20.77
N ASP A 123 -4.27 -10.42 20.01
CA ASP A 123 -3.59 -11.60 20.53
C ASP A 123 -2.10 -11.37 20.71
N GLY A 124 -1.53 -10.42 19.98
CA GLY A 124 -0.10 -10.17 20.04
C GLY A 124 0.67 -11.05 19.08
N LEU A 125 1.87 -11.48 19.49
CA LEU A 125 2.73 -12.33 18.67
C LEU A 125 2.25 -13.76 18.80
N ASP A 126 1.45 -14.23 17.82
CA ASP A 126 0.79 -15.52 17.95
C ASP A 126 1.27 -16.55 16.94
N SER A 127 1.73 -16.13 15.76
CA SER A 127 2.11 -17.06 14.70
C SER A 127 3.58 -16.87 14.40
N TRP A 128 4.36 -17.95 14.53
CA TRP A 128 5.80 -17.90 14.38
C TRP A 128 6.25 -18.76 13.20
N GLY A 129 7.41 -18.41 12.65
CA GLY A 129 8.06 -19.27 11.68
C GLY A 129 8.84 -20.37 12.35
N GLN A 130 9.19 -21.39 11.55
CA GLN A 130 9.93 -22.53 12.09
C GLN A 130 11.29 -22.13 12.64
N GLY A 131 11.81 -20.98 12.24
CA GLY A 131 13.10 -20.51 12.68
C GLY A 131 14.19 -20.79 11.65
N VAL A 132 15.26 -20.01 11.75
CA VAL A 132 16.43 -20.18 10.89
C VAL A 132 17.68 -19.89 11.69
N LEU A 133 18.71 -20.71 11.50
CA LEU A 133 19.95 -20.54 12.24
C LEU A 133 20.92 -19.70 11.43
N VAL A 134 21.45 -18.66 12.06
CA VAL A 134 22.51 -17.83 11.48
C VAL A 134 23.76 -18.06 12.32
N THR A 135 24.81 -18.55 11.68
CA THR A 135 26.08 -18.82 12.34
C THR A 135 27.14 -17.89 11.77
N VAL A 136 27.75 -17.10 12.62
CA VAL A 136 28.78 -16.15 12.20
C VAL A 136 30.12 -16.62 12.77
N SER A 137 31.01 -17.05 11.88
CA SER A 137 32.30 -17.60 12.27
C SER A 137 33.18 -17.69 11.04
N SER A 138 34.47 -17.43 11.22
CA SER A 138 35.43 -17.58 10.13
C SER A 138 35.82 -19.03 9.87
N ALA A 139 35.37 -19.94 10.73
CA ALA A 139 35.73 -21.35 10.56
C ALA A 139 35.06 -21.93 9.32
N SER A 140 35.77 -22.81 8.63
CA SER A 140 35.28 -23.39 7.40
C SER A 140 34.32 -24.55 7.68
N THR A 141 33.42 -24.78 6.74
CA THR A 141 32.48 -25.89 6.86
C THR A 141 33.21 -27.22 6.73
N LYS A 142 32.84 -28.18 7.57
CA LYS A 142 33.35 -29.52 7.47
C LYS A 142 32.24 -30.51 7.77
N GLY A 143 32.18 -31.58 6.98
CA GLY A 143 31.21 -32.63 7.20
C GLY A 143 31.69 -33.64 8.22
N PRO A 144 30.75 -34.27 8.92
CA PRO A 144 31.11 -35.21 9.98
C PRO A 144 31.38 -36.61 9.46
N SER A 145 32.03 -37.40 10.32
CA SER A 145 32.08 -38.84 10.16
C SER A 145 31.10 -39.48 11.13
N VAL A 146 30.50 -40.60 10.72
CA VAL A 146 29.50 -41.29 11.50
C VAL A 146 30.04 -42.67 11.85
N PHE A 147 30.08 -42.98 13.14
CA PHE A 147 30.56 -44.26 13.62
C PHE A 147 29.50 -44.92 14.48
N PRO A 148 29.39 -46.24 14.44
CA PRO A 148 28.35 -46.92 15.21
C PRO A 148 28.73 -47.10 16.67
N LEU A 149 27.72 -47.03 17.53
CA LEU A 149 27.84 -47.42 18.92
C LEU A 149 27.14 -48.77 19.03
N ALA A 150 27.91 -49.84 18.83
CA ALA A 150 27.34 -51.17 18.70
C ALA A 150 26.79 -51.66 20.05
N PRO A 151 25.63 -52.32 20.06
CA PRO A 151 25.09 -52.84 21.32
C PRO A 151 25.99 -53.90 21.91
N SER A 152 26.03 -53.93 23.25
CA SER A 152 26.86 -54.89 23.95
C SER A 152 26.42 -56.30 23.63
N SER A 153 27.31 -57.08 23.01
CA SER A 153 27.04 -58.47 22.72
C SER A 153 27.88 -59.38 23.61
N LYS A 154 27.23 -59.94 24.62
CA LYS A 154 25.79 -59.73 24.75
C LYS A 154 25.37 -59.37 26.17
N SER A 155 24.26 -58.64 26.27
CA SER A 155 23.46 -58.67 27.48
C SER A 155 23.07 -60.11 27.76
N THR A 156 22.96 -60.44 29.06
CA THR A 156 22.70 -61.80 29.52
C THR A 156 21.64 -62.50 28.67
N SER A 157 20.39 -62.09 28.83
CA SER A 157 19.29 -62.50 27.98
C SER A 157 19.07 -61.56 26.80
N GLY A 158 19.67 -60.38 26.84
CA GLY A 158 19.15 -59.28 26.08
C GLY A 158 17.97 -58.65 26.80
N GLY A 159 18.22 -58.08 27.98
CA GLY A 159 17.20 -57.32 28.67
C GLY A 159 17.42 -55.83 28.50
N THR A 160 16.88 -55.27 27.41
CA THR A 160 17.13 -53.91 26.96
C THR A 160 18.60 -53.71 26.57
N ALA A 161 18.83 -53.35 25.32
CA ALA A 161 20.15 -53.03 24.83
C ALA A 161 20.18 -51.57 24.38
N ALA A 162 21.36 -50.96 24.48
CA ALA A 162 21.57 -49.61 24.00
C ALA A 162 22.44 -49.65 22.75
N LEU A 163 22.07 -48.86 21.75
CA LEU A 163 22.89 -48.70 20.56
C LEU A 163 22.79 -47.25 20.11
N GLY A 164 23.72 -46.83 19.27
CA GLY A 164 23.67 -45.47 18.80
C GLY A 164 24.65 -45.19 17.69
N CYS A 165 24.82 -43.91 17.40
CA CYS A 165 25.73 -43.42 16.38
C CYS A 165 26.53 -42.25 16.92
N LEU A 166 27.82 -42.22 16.59
CA LEU A 166 28.72 -41.14 16.99
C LEU A 166 28.96 -40.25 15.78
N VAL A 167 28.49 -39.01 15.84
CA VAL A 167 28.62 -38.05 14.75
C VAL A 167 29.74 -37.08 15.15
N LYS A 168 30.92 -37.28 14.57
CA LYS A 168 32.15 -36.68 15.07
C LYS A 168 32.77 -35.74 14.04
N ASP A 169 33.31 -34.61 14.53
CA ASP A 169 34.14 -33.69 13.76
C ASP A 169 33.38 -33.01 12.62
N TYR A 170 32.53 -32.05 12.95
CA TYR A 170 31.79 -31.30 11.94
C TYR A 170 31.67 -29.84 12.37
N PHE A 171 31.40 -28.99 11.39
CA PHE A 171 31.16 -27.57 11.62
C PHE A 171 30.45 -26.99 10.40
N PRO A 172 29.47 -26.12 10.64
CA PRO A 172 28.96 -25.72 11.95
C PRO A 172 27.75 -26.52 12.38
N GLU A 173 27.09 -26.06 13.45
CA GLU A 173 25.79 -26.58 13.83
C GLU A 173 24.78 -26.21 12.74
N PRO A 174 23.70 -26.99 12.60
CA PRO A 174 23.41 -28.21 13.37
C PRO A 174 23.53 -29.50 12.56
N VAL A 175 23.34 -30.62 13.25
CA VAL A 175 23.06 -31.90 12.62
C VAL A 175 21.79 -32.45 13.24
N THR A 176 20.99 -33.14 12.44
CA THR A 176 19.80 -33.82 12.93
C THR A 176 20.01 -35.32 12.79
N VAL A 177 19.51 -36.06 13.79
CA VAL A 177 19.62 -37.52 13.80
C VAL A 177 18.22 -38.09 13.99
N SER A 178 17.82 -38.97 13.08
CA SER A 178 16.62 -39.77 13.24
C SER A 178 17.02 -41.24 13.20
N TRP A 179 16.07 -42.09 13.60
CA TRP A 179 16.28 -43.53 13.64
C TRP A 179 15.19 -44.20 12.84
N ASN A 180 15.60 -45.05 11.89
CA ASN A 180 14.66 -45.76 11.00
C ASN A 180 13.74 -44.77 10.28
N SER A 181 14.36 -43.73 9.71
CA SER A 181 13.66 -42.71 8.94
C SER A 181 12.53 -42.05 9.75
N GLY A 182 12.74 -41.92 11.07
CA GLY A 182 11.79 -41.27 11.93
C GLY A 182 10.76 -42.20 12.56
N ALA A 183 10.70 -43.46 12.15
CA ALA A 183 9.71 -44.37 12.72
C ALA A 183 10.05 -44.77 14.13
N LEU A 184 11.31 -44.65 14.55
CA LEU A 184 11.75 -45.04 15.88
C LEU A 184 12.10 -43.78 16.65
N THR A 185 11.17 -43.31 17.49
CA THR A 185 11.40 -42.15 18.33
C THR A 185 11.36 -42.46 19.82
N SER A 186 10.66 -43.52 20.22
CA SER A 186 10.59 -43.89 21.62
C SER A 186 11.94 -44.39 22.11
N GLY A 187 12.41 -43.84 23.23
CA GLY A 187 13.70 -44.20 23.78
C GLY A 187 14.91 -43.59 23.11
N VAL A 188 14.72 -42.63 22.23
CA VAL A 188 15.82 -41.99 21.52
C VAL A 188 16.35 -40.84 22.36
N HIS A 189 17.68 -40.74 22.47
CA HIS A 189 18.33 -39.61 23.12
C HIS A 189 19.43 -39.10 22.19
N THR A 190 19.19 -37.95 21.57
CA THR A 190 20.21 -37.27 20.77
C THR A 190 20.81 -36.18 21.64
N PHE A 191 22.09 -36.33 21.97
CA PHE A 191 22.72 -35.47 22.95
C PHE A 191 23.12 -34.13 22.34
N PRO A 192 23.13 -33.06 23.14
CA PRO A 192 23.66 -31.79 22.66
C PRO A 192 25.09 -31.94 22.16
N ALA A 193 25.41 -31.24 21.07
CA ALA A 193 26.77 -31.28 20.55
C ALA A 193 27.72 -30.66 21.55
N VAL A 194 28.96 -31.17 21.57
CA VAL A 194 30.04 -30.62 22.37
C VAL A 194 31.07 -30.03 21.44
N LEU A 195 31.67 -28.91 21.87
CA LEU A 195 32.70 -28.24 21.08
C LEU A 195 34.06 -28.79 21.51
N GLN A 196 34.68 -29.57 20.62
CA GLN A 196 35.98 -30.15 20.93
C GLN A 196 37.07 -29.09 20.85
N SER A 197 38.23 -29.42 21.43
CA SER A 197 39.35 -28.48 21.45
C SER A 197 39.87 -28.16 20.06
N SER A 198 39.57 -29.00 19.07
CA SER A 198 39.96 -28.73 17.69
C SER A 198 39.03 -27.76 16.99
N GLY A 199 38.02 -27.23 17.67
CA GLY A 199 37.07 -26.32 17.06
C GLY A 199 35.93 -26.99 16.32
N LEU A 200 35.90 -28.31 16.27
CA LEU A 200 34.83 -29.05 15.59
C LEU A 200 33.85 -29.63 16.59
N TYR A 201 32.61 -29.82 16.15
CA TYR A 201 31.56 -30.34 17.01
C TYR A 201 31.54 -31.86 16.98
N SER A 202 30.77 -32.43 17.91
CA SER A 202 30.61 -33.87 18.03
C SER A 202 29.41 -34.17 18.91
N LEU A 203 28.54 -35.08 18.47
CA LEU A 203 27.44 -35.51 19.32
C LEU A 203 27.19 -37.00 19.12
N SER A 204 26.51 -37.59 20.09
CA SER A 204 26.08 -38.97 20.03
C SER A 204 24.56 -39.03 20.13
N SER A 205 23.97 -39.95 19.38
CA SER A 205 22.54 -40.24 19.47
C SER A 205 22.40 -41.72 19.81
N VAL A 206 21.60 -42.02 20.82
CA VAL A 206 21.44 -43.38 21.32
C VAL A 206 19.95 -43.73 21.41
N VAL A 207 19.67 -45.02 21.42
CA VAL A 207 18.31 -45.53 21.58
C VAL A 207 18.40 -46.86 22.31
N THR A 208 17.47 -47.09 23.23
CA THR A 208 17.37 -48.36 23.94
C THR A 208 16.20 -49.14 23.38
N VAL A 209 16.43 -50.42 23.09
CA VAL A 209 15.42 -51.26 22.44
C VAL A 209 15.38 -52.60 23.16
N PRO A 210 14.27 -53.32 23.04
CA PRO A 210 14.29 -54.74 23.43
C PRO A 210 15.30 -55.49 22.59
N SER A 211 16.18 -56.22 23.24
CA SER A 211 17.22 -56.94 22.53
C SER A 211 16.83 -58.38 22.22
N SER A 212 15.57 -58.74 22.37
CA SER A 212 15.01 -59.82 21.58
C SER A 212 14.79 -59.37 20.14
N SER A 213 14.66 -58.07 19.93
CA SER A 213 14.48 -57.49 18.60
C SER A 213 15.80 -57.29 17.86
N LEU A 214 16.94 -57.49 18.51
CA LEU A 214 18.22 -57.29 17.83
C LEU A 214 18.33 -58.19 16.60
N GLY A 215 17.84 -59.42 16.70
CA GLY A 215 17.91 -60.32 15.57
C GLY A 215 16.81 -60.12 14.55
N THR A 216 15.67 -59.57 14.96
CA THR A 216 14.50 -59.44 14.09
C THR A 216 14.16 -57.99 13.78
N GLN A 217 15.15 -57.09 13.82
CA GLN A 217 14.87 -55.69 13.55
C GLN A 217 16.16 -55.00 13.11
N THR A 218 16.04 -54.10 12.16
CA THR A 218 17.17 -53.33 11.66
C THR A 218 17.15 -51.94 12.31
N TYR A 219 18.33 -51.41 12.61
CA TYR A 219 18.45 -50.12 13.29
C TYR A 219 19.42 -49.25 12.50
N ILE A 220 18.91 -48.16 11.96
CA ILE A 220 19.67 -47.24 11.12
C ILE A 220 19.50 -45.84 11.68
N CYS A 221 20.61 -45.13 11.85
CA CYS A 221 20.56 -43.73 12.20
C CYS A 221 20.72 -42.90 10.93
N ASN A 222 19.86 -41.91 10.77
CA ASN A 222 19.84 -41.04 9.60
C ASN A 222 20.44 -39.70 10.00
N VAL A 223 21.71 -39.50 9.68
CA VAL A 223 22.43 -38.28 10.04
C VAL A 223 22.41 -37.35 8.84
N ASN A 224 22.00 -36.11 9.07
CA ASN A 224 21.95 -35.10 8.03
C ASN A 224 22.66 -33.85 8.52
N HIS A 225 23.72 -33.46 7.83
CA HIS A 225 24.44 -32.21 8.08
C HIS A 225 24.27 -31.34 6.83
N LYS A 226 23.20 -30.55 6.82
CA LYS A 226 22.90 -29.69 5.68
C LYS A 226 24.04 -28.77 5.26
N PRO A 227 24.72 -28.05 6.16
CA PRO A 227 25.77 -27.12 5.72
C PRO A 227 26.85 -27.75 4.85
N SER A 228 27.07 -29.07 4.96
CA SER A 228 28.08 -29.75 4.15
C SER A 228 27.47 -30.76 3.19
N ASN A 229 26.14 -30.79 3.08
CA ASN A 229 25.44 -31.75 2.21
C ASN A 229 25.85 -33.19 2.54
N THR A 230 25.98 -33.47 3.84
CA THR A 230 26.36 -34.79 4.32
C THR A 230 25.11 -35.53 4.77
N LYS A 231 24.83 -36.65 4.11
CA LYS A 231 23.68 -37.49 4.45
C LYS A 231 24.19 -38.91 4.61
N VAL A 232 24.01 -39.48 5.80
CA VAL A 232 24.53 -40.80 6.13
C VAL A 232 23.43 -41.60 6.78
N ASP A 233 23.23 -42.82 6.29
CA ASP A 233 22.32 -43.80 6.89
C ASP A 233 23.19 -44.95 7.39
N LYS A 234 23.60 -44.86 8.66
CA LYS A 234 24.48 -45.85 9.26
C LYS A 234 23.65 -46.94 9.92
N LYS A 235 23.83 -48.18 9.48
CA LYS A 235 23.17 -49.31 10.12
C LYS A 235 24.02 -49.79 11.29
N VAL A 236 23.38 -49.95 12.45
CA VAL A 236 24.08 -50.34 13.67
C VAL A 236 23.71 -51.78 13.98
N GLU A 237 24.71 -52.67 13.96
CA GLU A 237 24.51 -54.09 14.19
C GLU A 237 25.26 -54.53 15.43
N PRO A 238 24.82 -55.61 16.07
CA PRO A 238 25.57 -56.14 17.23
C PRO A 238 26.88 -56.76 16.79
N LYS A 239 27.67 -57.17 17.79
CA LYS A 239 28.94 -57.83 17.56
C LYS A 239 29.87 -57.01 16.67
N ASP B 11 11.96 0.72 23.86
CA ASP B 11 11.29 -0.48 24.31
C ASP B 11 11.20 -0.53 25.83
N ILE B 12 10.05 -1.00 26.34
CA ILE B 12 9.89 -1.16 27.79
C ILE B 12 10.72 -2.34 28.27
N GLN B 13 11.27 -2.20 29.48
CA GLN B 13 12.11 -3.24 30.06
C GLN B 13 11.27 -4.18 30.93
N MET B 14 11.21 -5.44 30.54
CA MET B 14 10.50 -6.47 31.29
C MET B 14 11.48 -7.20 32.20
N THR B 15 11.11 -7.32 33.48
CA THR B 15 11.94 -7.98 34.49
C THR B 15 11.13 -9.15 35.06
N GLN B 16 11.56 -10.36 34.74
CA GLN B 16 10.90 -11.60 35.09
C GLN B 16 11.72 -12.33 36.14
N SER B 17 11.04 -12.98 37.09
CA SER B 17 11.70 -13.72 38.16
C SER B 17 10.86 -14.93 38.55
N PRO B 18 11.51 -16.03 38.94
CA PRO B 18 12.97 -16.21 39.03
C PRO B 18 13.61 -16.54 37.69
N SER B 19 14.94 -16.58 37.65
CA SER B 19 15.61 -17.03 36.44
C SER B 19 15.33 -18.50 36.17
N SER B 20 15.15 -19.29 37.23
CA SER B 20 14.80 -20.70 37.11
C SER B 20 14.16 -21.14 38.42
N LEU B 21 13.49 -22.28 38.37
CA LEU B 21 12.86 -22.84 39.56
C LEU B 21 12.66 -24.32 39.35
N SER B 22 12.41 -25.01 40.46
CA SER B 22 12.18 -26.45 40.46
C SER B 22 10.89 -26.73 41.23
N ALA B 23 10.15 -27.74 40.79
CA ALA B 23 8.83 -27.99 41.36
C ALA B 23 8.42 -29.42 41.10
N SER B 24 7.63 -29.98 42.02
CA SER B 24 7.14 -31.34 41.89
C SER B 24 5.82 -31.38 41.14
N VAL B 25 5.50 -32.56 40.62
CA VAL B 25 4.24 -32.75 39.91
C VAL B 25 3.09 -32.55 40.89
N GLY B 26 2.11 -31.75 40.49
CA GLY B 26 1.00 -31.40 41.36
C GLY B 26 1.19 -30.12 42.14
N ASP B 27 2.38 -29.52 42.11
CA ASP B 27 2.61 -28.29 42.84
C ASP B 27 2.06 -27.09 42.07
N ARG B 28 1.86 -26.01 42.81
CA ARG B 28 1.47 -24.73 42.25
C ARG B 28 2.73 -23.90 41.99
N VAL B 29 2.86 -23.40 40.77
CA VAL B 29 4.05 -22.66 40.33
C VAL B 29 3.63 -21.22 40.04
N THR B 30 4.53 -20.28 40.34
CA THR B 30 4.27 -18.87 40.13
C THR B 30 5.48 -18.24 39.46
N VAL B 31 5.25 -17.53 38.35
CA VAL B 31 6.28 -16.79 37.65
C VAL B 31 5.87 -15.32 37.61
N THR B 32 6.76 -14.44 38.04
CA THR B 32 6.48 -13.02 38.17
C THR B 32 7.14 -12.24 37.04
N CYS B 33 6.38 -11.31 36.45
CA CYS B 33 6.88 -10.41 35.43
C CYS B 33 6.63 -8.97 35.86
N ARG B 34 7.59 -8.10 35.58
CA ARG B 34 7.51 -6.69 35.94
C ARG B 34 7.91 -5.82 34.75
N ALA B 35 7.09 -4.82 34.46
CA ALA B 35 7.35 -3.91 33.35
C ALA B 35 8.00 -2.63 33.85
N GLY B 36 8.83 -2.02 33.00
CA GLY B 36 9.42 -0.74 33.33
C GLY B 36 8.39 0.37 33.37
N GLN B 37 7.49 0.40 32.39
CA GLN B 37 6.37 1.32 32.36
C GLN B 37 5.07 0.55 32.41
N GLY B 38 3.99 1.26 32.72
CA GLY B 38 2.68 0.64 32.70
C GLY B 38 2.37 0.06 31.33
N VAL B 39 1.88 -1.18 31.33
CA VAL B 39 1.44 -1.85 30.11
C VAL B 39 -0.03 -2.24 30.21
N SER B 40 -0.73 -1.78 31.25
CA SER B 40 -2.16 -2.01 31.43
C SER B 40 -2.49 -3.50 31.44
N ASN B 41 -3.21 -3.96 30.43
CA ASN B 41 -3.71 -5.32 30.37
C ASN B 41 -2.97 -6.17 29.34
N TYR B 42 -1.92 -5.65 28.74
CA TYR B 42 -1.33 -6.25 27.54
C TYR B 42 -0.02 -6.95 27.91
N LEU B 43 -0.14 -8.07 28.62
CA LEU B 43 0.99 -8.91 28.98
C LEU B 43 0.71 -10.33 28.50
N SER B 44 1.68 -10.92 27.80
CA SER B 44 1.54 -12.26 27.25
C SER B 44 2.54 -13.21 27.90
N TRP B 45 2.17 -14.50 27.95
CA TRP B 45 3.03 -15.56 28.49
C TRP B 45 3.27 -16.60 27.41
N TYR B 46 4.54 -16.95 27.21
CA TYR B 46 4.95 -17.92 26.20
C TYR B 46 5.66 -19.10 26.85
N GLN B 47 5.44 -20.27 26.28
CA GLN B 47 6.06 -21.51 26.73
C GLN B 47 6.94 -22.05 25.61
N GLN B 48 8.21 -22.29 25.90
CA GLN B 48 9.13 -22.83 24.91
C GLN B 48 9.81 -24.06 25.48
N LYS B 49 9.60 -25.19 24.85
CA LYS B 49 10.23 -26.46 25.15
C LYS B 49 11.47 -26.64 24.28
N PRO B 50 12.44 -27.43 24.74
CA PRO B 50 13.74 -27.48 24.07
C PRO B 50 13.64 -27.75 22.58
N GLY B 51 14.24 -26.85 21.79
CA GLY B 51 14.32 -27.03 20.36
C GLY B 51 13.00 -26.86 19.62
N LYS B 52 12.07 -26.09 20.19
CA LYS B 52 10.78 -25.87 19.57
C LYS B 52 10.42 -24.39 19.58
N VAL B 53 9.50 -24.05 18.68
CA VAL B 53 9.01 -22.67 18.52
C VAL B 53 8.26 -22.25 19.80
N PRO B 54 8.40 -21.00 20.25
CA PRO B 54 7.64 -20.56 21.42
C PRO B 54 6.14 -20.65 21.16
N LYS B 55 5.40 -21.04 22.19
CA LYS B 55 3.96 -21.20 22.11
C LYS B 55 3.28 -20.17 23.00
N LEU B 56 2.39 -19.38 22.43
CA LEU B 56 1.61 -18.42 23.20
C LEU B 56 0.60 -19.17 24.06
N LEU B 57 0.74 -19.03 25.39
CA LEU B 57 -0.22 -19.62 26.31
C LEU B 57 -1.33 -18.64 26.67
N ILE B 58 -0.95 -17.43 27.08
CA ILE B 58 -1.88 -16.44 27.60
C ILE B 58 -1.57 -15.10 26.96
N TYR B 59 -2.60 -14.45 26.43
CA TYR B 59 -2.53 -13.06 25.99
C TYR B 59 -3.44 -12.21 26.86
N LYS B 60 -3.23 -10.89 26.81
CA LYS B 60 -4.00 -9.95 27.61
C LYS B 60 -3.95 -10.29 29.10
N ALA B 61 -2.85 -10.90 29.53
CA ALA B 61 -2.57 -11.25 30.93
C ALA B 61 -3.48 -12.35 31.48
N SER B 62 -4.79 -12.29 31.23
CA SER B 62 -5.72 -13.28 31.79
C SER B 62 -6.57 -13.99 30.75
N SER B 63 -6.21 -13.91 29.47
CA SER B 63 -6.95 -14.60 28.42
C SER B 63 -6.14 -15.80 27.94
N LEU B 64 -6.78 -16.96 27.94
CA LEU B 64 -6.15 -18.21 27.52
C LEU B 64 -6.33 -18.42 26.03
N GLN B 65 -5.25 -18.75 25.34
CA GLN B 65 -5.35 -19.08 23.93
C GLN B 65 -6.09 -20.40 23.75
N SER B 66 -6.56 -20.63 22.52
CA SER B 66 -7.32 -21.83 22.22
C SER B 66 -6.45 -23.07 22.43
N GLY B 67 -7.04 -24.10 23.03
CA GLY B 67 -6.36 -25.36 23.25
C GLY B 67 -5.37 -25.37 24.39
N VAL B 68 -5.20 -24.27 25.10
CA VAL B 68 -4.25 -24.23 26.21
C VAL B 68 -4.90 -24.86 27.43
N PRO B 69 -4.21 -25.73 28.17
CA PRO B 69 -4.83 -26.38 29.34
C PRO B 69 -5.32 -25.36 30.37
N SER B 70 -6.34 -25.77 31.14
CA SER B 70 -6.96 -24.86 32.10
C SER B 70 -6.07 -24.59 33.30
N ARG B 71 -5.07 -25.43 33.56
CA ARG B 71 -4.19 -25.23 34.71
C ARG B 71 -3.32 -23.99 34.56
N PHE B 72 -3.27 -23.37 33.39
CA PHE B 72 -2.53 -22.13 33.18
C PHE B 72 -3.45 -20.94 33.38
N SER B 73 -2.95 -19.92 34.08
CA SER B 73 -3.73 -18.72 34.34
C SER B 73 -2.78 -17.58 34.65
N GLY B 74 -3.12 -16.38 34.17
CA GLY B 74 -2.36 -15.18 34.46
C GLY B 74 -3.22 -14.15 35.17
N SER B 75 -2.55 -13.14 35.72
CA SER B 75 -3.23 -12.10 36.48
C SER B 75 -2.31 -10.88 36.56
N GLY B 76 -2.86 -9.80 37.12
CA GLY B 76 -2.15 -8.56 37.29
C GLY B 76 -2.46 -7.57 36.17
N SER B 77 -2.23 -6.29 36.47
CA SER B 77 -2.39 -5.23 35.48
C SER B 77 -1.66 -4.00 35.96
N GLY B 78 -1.02 -3.30 35.03
CA GLY B 78 -0.16 -2.18 35.37
C GLY B 78 1.29 -2.50 35.09
N THR B 79 2.02 -2.92 36.12
CA THR B 79 3.40 -3.32 35.98
C THR B 79 3.74 -4.62 36.68
N GLU B 80 2.80 -5.22 37.42
CA GLU B 80 3.03 -6.45 38.17
C GLU B 80 2.12 -7.52 37.61
N PHE B 81 2.72 -8.58 37.06
CA PHE B 81 1.96 -9.68 36.48
C PHE B 81 2.45 -11.01 37.06
N THR B 82 1.64 -12.05 36.87
CA THR B 82 1.92 -13.34 37.50
C THR B 82 1.31 -14.46 36.67
N LEU B 83 2.17 -15.30 36.09
CA LEU B 83 1.74 -16.57 35.52
C LEU B 83 1.62 -17.60 36.64
N THR B 84 0.59 -18.44 36.57
CA THR B 84 0.35 -19.44 37.59
C THR B 84 -0.03 -20.75 36.94
N ILE B 85 0.72 -21.81 37.27
CA ILE B 85 0.35 -23.18 36.94
C ILE B 85 -0.22 -23.80 38.20
N SER B 86 -1.52 -24.10 38.17
CA SER B 86 -2.19 -24.56 39.38
C SER B 86 -1.64 -25.90 39.85
N SER B 87 -1.49 -26.85 38.94
CA SER B 87 -1.02 -28.20 39.27
C SER B 87 -0.01 -28.62 38.20
N LEU B 88 1.28 -28.57 38.55
CA LEU B 88 2.33 -28.82 37.57
C LEU B 88 2.26 -30.24 37.02
N GLN B 89 2.48 -30.37 35.72
CA GLN B 89 2.49 -31.64 35.02
C GLN B 89 3.89 -31.92 34.47
N PRO B 90 4.23 -33.19 34.22
CA PRO B 90 5.57 -33.49 33.69
C PRO B 90 5.85 -32.80 32.36
N GLU B 91 4.85 -32.70 31.49
CA GLU B 91 5.04 -32.05 30.20
C GLU B 91 5.15 -30.54 30.29
N ASP B 92 4.99 -29.94 31.49
CA ASP B 92 5.14 -28.51 31.65
C ASP B 92 6.60 -28.08 31.75
N PHE B 93 7.53 -29.02 31.69
CA PHE B 93 8.95 -28.67 31.64
C PHE B 93 9.23 -27.80 30.42
N ALA B 94 9.71 -26.58 30.66
CA ALA B 94 9.95 -25.62 29.59
C ALA B 94 10.52 -24.32 30.17
N THR B 95 10.90 -23.40 29.30
CA THR B 95 11.23 -22.04 29.68
C THR B 95 10.04 -21.15 29.36
N TYR B 96 9.62 -20.33 30.34
CA TYR B 96 8.46 -19.47 30.18
C TYR B 96 8.92 -18.02 30.08
N TYR B 97 8.41 -17.31 29.08
CA TYR B 97 8.74 -15.91 28.87
C TYR B 97 7.48 -15.06 28.99
N CYS B 98 7.62 -13.87 29.58
CA CYS B 98 6.56 -12.88 29.51
C CYS B 98 6.87 -11.87 28.41
N LEU B 99 5.82 -11.27 27.88
CA LEU B 99 5.92 -10.35 26.75
C LEU B 99 4.86 -9.27 26.90
N GLN B 100 5.29 -8.02 26.88
CA GLN B 100 4.34 -6.92 26.80
C GLN B 100 3.98 -6.67 25.34
N HIS B 101 2.69 -6.64 25.06
CA HIS B 101 2.20 -6.30 23.73
C HIS B 101 1.32 -5.06 23.80
N ASN B 102 1.73 -4.10 24.63
CA ASN B 102 1.01 -2.84 24.81
C ASN B 102 1.45 -1.79 23.79
N ILE B 103 2.73 -1.75 23.47
CA ILE B 103 3.28 -0.74 22.56
C ILE B 103 4.48 -1.33 21.84
N HIS B 104 4.53 -1.14 20.53
CA HIS B 104 5.69 -1.54 19.77
C HIS B 104 6.89 -0.66 20.12
N PRO B 105 8.08 -1.27 20.24
CA PRO B 105 8.33 -2.70 20.04
C PRO B 105 7.99 -3.56 21.25
N TYR B 106 7.33 -4.69 21.02
CA TYR B 106 7.04 -5.63 22.08
C TYR B 106 8.36 -6.23 22.59
N SER B 107 8.42 -6.45 23.90
CA SER B 107 9.68 -6.85 24.54
C SER B 107 9.43 -8.01 25.48
N PHE B 108 10.41 -8.90 25.57
CA PHE B 108 10.33 -10.13 26.35
C PHE B 108 10.98 -9.94 27.72
N GLY B 109 10.72 -10.91 28.61
CA GLY B 109 11.47 -11.05 29.84
C GLY B 109 12.66 -11.98 29.69
N GLN B 110 13.35 -12.23 30.81
CA GLN B 110 14.54 -13.07 30.76
C GLN B 110 14.20 -14.54 30.57
N GLY B 111 12.98 -14.94 30.90
CA GLY B 111 12.66 -16.36 30.84
C GLY B 111 12.83 -17.03 32.18
N THR B 112 11.95 -17.97 32.46
CA THR B 112 11.99 -18.76 33.69
C THR B 112 12.06 -20.23 33.31
N LYS B 113 13.15 -20.88 33.71
CA LYS B 113 13.36 -22.29 33.40
C LYS B 113 12.71 -23.13 34.50
N VAL B 114 11.70 -23.90 34.13
CA VAL B 114 10.95 -24.72 35.08
C VAL B 114 11.42 -26.17 34.97
N GLU B 115 11.88 -26.71 36.09
CA GLU B 115 12.34 -28.10 36.17
CA GLU B 115 12.33 -28.10 36.17
C GLU B 115 11.38 -28.90 37.04
N ILE B 116 11.29 -30.20 36.75
CA ILE B 116 10.38 -31.11 37.45
C ILE B 116 11.15 -31.86 38.54
N LYS B 117 10.60 -31.89 39.74
CA LYS B 117 11.09 -32.73 40.82
C LYS B 117 10.33 -34.04 40.83
N ARG B 118 11.07 -35.15 40.91
CA ARG B 118 10.45 -36.47 40.90
C ARG B 118 11.27 -37.40 41.80
N THR B 119 10.79 -38.63 41.94
CA THR B 119 11.49 -39.62 42.74
C THR B 119 12.86 -39.94 42.12
N VAL B 120 13.78 -40.40 42.98
CA VAL B 120 15.12 -40.73 42.51
C VAL B 120 15.05 -41.92 41.57
N ALA B 121 15.73 -41.82 40.43
CA ALA B 121 15.83 -42.91 39.47
C ALA B 121 17.31 -43.15 39.19
N ALA B 122 17.76 -44.39 39.39
CA ALA B 122 19.15 -44.70 39.13
C ALA B 122 19.40 -44.83 37.64
N PRO B 123 20.59 -44.43 37.17
CA PRO B 123 20.89 -44.54 35.73
C PRO B 123 21.17 -45.98 35.32
N SER B 124 20.74 -46.32 34.12
CA SER B 124 21.21 -47.53 33.44
C SER B 124 22.46 -47.17 32.64
N VAL B 125 23.52 -47.94 32.82
CA VAL B 125 24.84 -47.59 32.27
C VAL B 125 25.20 -48.53 31.14
N PHE B 126 25.72 -47.97 30.06
CA PHE B 126 26.17 -48.73 28.90
C PHE B 126 27.50 -48.16 28.44
N ILE B 127 28.41 -49.03 27.99
CA ILE B 127 29.72 -48.63 27.51
C ILE B 127 29.89 -49.14 26.08
N PHE B 128 30.56 -48.35 25.25
CA PHE B 128 30.71 -48.66 23.84
C PHE B 128 32.18 -48.55 23.45
N PRO B 129 32.81 -49.62 22.96
CA PRO B 129 34.16 -49.51 22.43
C PRO B 129 34.18 -48.72 21.14
N PRO B 130 35.35 -48.21 20.72
CA PRO B 130 35.41 -47.52 19.43
C PRO B 130 35.25 -48.49 18.28
N SER B 131 34.62 -48.01 17.21
CA SER B 131 34.42 -48.83 16.02
C SER B 131 35.75 -49.09 15.31
N ASP B 132 35.81 -50.23 14.62
CA ASP B 132 36.98 -50.51 13.80
C ASP B 132 37.17 -49.47 12.71
N GLU B 133 36.07 -48.91 12.21
CA GLU B 133 36.15 -47.87 11.18
C GLU B 133 36.87 -46.63 11.68
N GLN B 134 36.56 -46.20 12.91
CA GLN B 134 37.22 -45.00 13.44
C GLN B 134 38.69 -45.23 13.73
N LEU B 135 39.05 -46.45 14.14
CA LEU B 135 40.45 -46.75 14.44
C LEU B 135 41.35 -46.60 13.22
N LYS B 136 40.80 -46.71 12.01
CA LYS B 136 41.59 -46.47 10.81
C LYS B 136 42.10 -45.03 10.76
N SER B 137 41.39 -44.10 11.38
CA SER B 137 41.74 -42.70 11.36
C SER B 137 42.77 -42.31 12.42
N GLY B 138 43.15 -43.24 13.29
CA GLY B 138 44.15 -42.94 14.30
C GLY B 138 43.62 -42.32 15.58
N THR B 139 42.30 -42.29 15.77
CA THR B 139 41.70 -41.79 17.00
C THR B 139 40.66 -42.79 17.48
N ALA B 140 40.58 -42.95 18.81
CA ALA B 140 39.64 -43.87 19.44
C ALA B 140 38.73 -43.09 20.39
N SER B 141 37.42 -43.21 20.17
CA SER B 141 36.43 -42.60 21.06
C SER B 141 35.70 -43.71 21.81
N VAL B 142 35.76 -43.66 23.13
CA VAL B 142 35.05 -44.59 24.00
C VAL B 142 33.89 -43.83 24.63
N VAL B 143 32.68 -44.36 24.50
CA VAL B 143 31.47 -43.66 24.92
C VAL B 143 30.83 -44.43 26.06
N CYS B 144 30.39 -43.69 27.07
CA CYS B 144 29.64 -44.22 28.20
C CYS B 144 28.30 -43.53 28.25
N LEU B 145 27.24 -44.29 28.49
CA LEU B 145 25.87 -43.78 28.49
C LEU B 145 25.22 -43.98 29.84
N LEU B 146 24.67 -42.91 30.40
CA LEU B 146 23.88 -42.95 31.63
C LEU B 146 22.46 -42.59 31.23
N ASN B 147 21.54 -43.55 31.36
CA ASN B 147 20.21 -43.43 30.76
C ASN B 147 19.14 -43.29 31.83
N ASN B 148 18.30 -42.25 31.66
CA ASN B 148 17.03 -42.07 32.39
C ASN B 148 17.23 -42.10 33.91
N PHE B 149 17.87 -41.04 34.40
CA PHE B 149 18.14 -40.93 35.82
C PHE B 149 17.67 -39.59 36.36
N TYR B 150 17.43 -39.56 37.66
CA TYR B 150 17.10 -38.34 38.39
C TYR B 150 17.66 -38.47 39.80
N PRO B 151 18.26 -37.40 40.34
CA PRO B 151 18.40 -36.06 39.76
C PRO B 151 19.55 -35.91 38.77
N ARG B 152 19.78 -34.66 38.36
CA ARG B 152 20.70 -34.37 37.26
C ARG B 152 22.15 -34.65 37.62
N GLU B 153 22.52 -34.49 38.89
CA GLU B 153 23.92 -34.62 39.27
C GLU B 153 24.36 -36.08 39.24
N ALA B 154 25.48 -36.32 38.56
CA ALA B 154 26.05 -37.65 38.45
C ALA B 154 27.52 -37.47 38.16
N LYS B 155 28.31 -38.49 38.47
CA LYS B 155 29.74 -38.41 38.26
C LYS B 155 30.20 -39.65 37.49
N VAL B 156 30.99 -39.42 36.45
CA VAL B 156 31.55 -40.47 35.63
C VAL B 156 33.07 -40.42 35.77
N GLN B 157 33.67 -41.55 36.11
CA GLN B 157 35.11 -41.68 36.22
C GLN B 157 35.57 -42.71 35.21
N TRP B 158 36.49 -42.32 34.33
CA TRP B 158 37.07 -43.24 33.36
C TRP B 158 38.32 -43.88 33.94
N LYS B 159 38.44 -45.19 33.71
CA LYS B 159 39.59 -45.98 34.13
C LYS B 159 40.11 -46.77 32.94
N VAL B 160 41.43 -46.70 32.73
CA VAL B 160 42.11 -47.47 31.70
C VAL B 160 43.11 -48.35 32.42
N ASP B 161 42.89 -49.67 32.38
CA ASP B 161 43.63 -50.62 33.20
C ASP B 161 43.65 -50.19 34.66
N ASN B 162 42.47 -49.78 35.15
CA ASN B 162 42.21 -49.36 36.51
C ASN B 162 42.92 -48.07 36.90
N ALA B 163 43.52 -47.35 35.94
CA ALA B 163 44.14 -46.07 36.20
C ALA B 163 43.20 -44.94 35.82
N LEU B 164 43.04 -43.97 36.72
CA LEU B 164 42.08 -42.90 36.50
C LEU B 164 42.52 -41.98 35.37
N GLN B 165 41.56 -41.59 34.53
CA GLN B 165 41.80 -40.65 33.44
C GLN B 165 41.36 -39.26 33.87
N SER B 166 42.01 -38.25 33.29
CA SER B 166 41.72 -36.87 33.61
C SER B 166 42.01 -36.00 32.39
N GLY B 167 41.09 -35.07 32.12
CA GLY B 167 41.30 -34.11 31.04
C GLY B 167 41.19 -34.66 29.63
N ASN B 168 40.69 -35.88 29.46
CA ASN B 168 40.55 -36.47 28.12
C ASN B 168 39.12 -36.95 27.88
N SER B 169 38.14 -36.35 28.55
CA SER B 169 36.76 -36.74 28.40
C SER B 169 35.88 -35.50 28.40
N GLN B 170 34.73 -35.59 27.70
CA GLN B 170 33.74 -34.54 27.67
C GLN B 170 32.36 -35.15 27.90
N GLU B 171 31.49 -34.39 28.56
CA GLU B 171 30.15 -34.85 28.91
C GLU B 171 29.11 -33.97 28.23
N SER B 172 27.98 -34.58 27.91
CA SER B 172 26.82 -33.90 27.38
C SER B 172 25.59 -34.47 28.05
N VAL B 173 24.63 -33.61 28.37
CA VAL B 173 23.45 -34.00 29.14
C VAL B 173 22.20 -33.66 28.34
N THR B 174 21.23 -34.56 28.34
CA THR B 174 19.95 -34.30 27.69
C THR B 174 19.07 -33.41 28.56
N GLU B 175 18.23 -32.64 27.89
CA GLU B 175 17.20 -31.89 28.59
C GLU B 175 16.22 -32.85 29.27
N GLN B 176 15.57 -32.36 30.31
CA GLN B 176 14.65 -33.19 31.08
C GLN B 176 13.56 -33.79 30.19
N ASP B 177 13.30 -35.07 30.36
CA ASP B 177 12.34 -35.77 29.54
C ASP B 177 10.91 -35.31 29.85
N SER B 178 10.13 -35.11 28.80
CA SER B 178 8.80 -34.52 28.95
C SER B 178 7.81 -35.44 29.66
N LYS B 179 8.15 -36.72 29.85
CA LYS B 179 7.20 -37.68 30.41
C LYS B 179 7.67 -38.31 31.71
N ASP B 180 8.86 -38.89 31.75
CA ASP B 180 9.36 -39.47 32.99
C ASP B 180 10.27 -38.53 33.76
N SER B 181 10.49 -37.32 33.25
CA SER B 181 11.23 -36.25 33.92
C SER B 181 12.68 -36.62 34.23
N THR B 182 13.24 -37.60 33.53
CA THR B 182 14.61 -38.03 33.77
C THR B 182 15.58 -37.35 32.81
N TYR B 183 16.86 -37.46 33.15
CA TYR B 183 17.95 -37.00 32.30
C TYR B 183 18.71 -38.20 31.76
N SER B 184 19.45 -37.96 30.69
CA SER B 184 20.40 -38.92 30.15
C SER B 184 21.71 -38.20 29.89
N LEU B 185 22.81 -38.94 30.01
CA LEU B 185 24.14 -38.36 29.94
C LEU B 185 25.05 -39.27 29.14
N SER B 186 25.87 -38.67 28.28
CA SER B 186 26.94 -39.38 27.58
C SER B 186 28.28 -38.77 27.93
N SER B 187 29.27 -39.64 28.13
CA SER B 187 30.65 -39.23 28.36
C SER B 187 31.54 -39.93 27.35
N THR B 188 32.36 -39.16 26.65
CA THR B 188 33.20 -39.66 25.56
C THR B 188 34.66 -39.52 25.95
N LEU B 189 35.36 -40.64 25.99
CA LEU B 189 36.79 -40.67 26.25
C LEU B 189 37.52 -40.72 24.91
N THR B 190 38.42 -39.76 24.69
CA THR B 190 39.15 -39.64 23.44
C THR B 190 40.61 -40.02 23.68
N LEU B 191 41.09 -41.02 22.95
CA LEU B 191 42.48 -41.47 23.02
C LEU B 191 43.05 -41.55 21.61
N SER B 192 44.37 -41.61 21.54
CA SER B 192 45.02 -41.93 20.28
C SER B 192 44.90 -43.43 20.01
N LYS B 193 44.97 -43.79 18.73
CA LYS B 193 44.94 -45.20 18.36
C LYS B 193 46.07 -45.98 19.02
N ALA B 194 47.28 -45.40 19.05
CA ALA B 194 48.40 -46.06 19.71
C ALA B 194 48.18 -46.19 21.21
N ASP B 195 47.67 -45.13 21.84
CA ASP B 195 47.35 -45.20 23.27
C ASP B 195 46.27 -46.23 23.53
N TYR B 196 45.22 -46.24 22.70
CA TYR B 196 44.11 -47.17 22.94
C TYR B 196 44.57 -48.62 22.79
N GLU B 197 45.46 -48.89 21.85
CA GLU B 197 45.85 -50.26 21.56
C GLU B 197 46.86 -50.83 22.55
N LYS B 198 47.50 -50.01 23.37
CA LYS B 198 48.48 -50.51 24.34
C LYS B 198 47.86 -50.85 25.69
N HIS B 199 46.57 -50.60 25.88
CA HIS B 199 45.89 -50.92 27.13
C HIS B 199 44.74 -51.87 26.85
N LYS B 200 44.21 -52.47 27.92
CA LYS B 200 43.25 -53.56 27.81
C LYS B 200 41.88 -53.21 28.36
N VAL B 201 41.78 -52.95 29.66
CA VAL B 201 40.48 -52.79 30.33
C VAL B 201 40.08 -51.32 30.29
N TYR B 202 38.92 -51.04 29.70
CA TYR B 202 38.35 -49.71 29.63
C TYR B 202 37.05 -49.71 30.42
N ALA B 203 36.99 -48.91 31.48
CA ALA B 203 35.90 -48.96 32.43
C ALA B 203 35.29 -47.57 32.62
N CYS B 204 33.97 -47.55 32.80
CA CYS B 204 33.21 -46.35 33.08
C CYS B 204 32.56 -46.53 34.45
N GLU B 205 33.00 -45.75 35.43
CA GLU B 205 32.53 -45.88 36.80
C GLU B 205 31.59 -44.72 37.12
N VAL B 206 30.36 -45.05 37.50
CA VAL B 206 29.28 -44.08 37.66
C VAL B 206 28.83 -44.07 39.11
N THR B 207 28.78 -42.88 39.70
CA THR B 207 28.21 -42.69 41.02
C THR B 207 26.97 -41.81 40.90
N HIS B 208 25.93 -42.14 41.66
CA HIS B 208 24.67 -41.42 41.59
C HIS B 208 23.87 -41.75 42.83
N GLN B 209 23.04 -40.78 43.27
CA GLN B 209 22.28 -40.95 44.50
C GLN B 209 21.36 -42.16 44.44
N GLY B 210 20.89 -42.53 43.26
CA GLY B 210 20.08 -43.71 43.07
C GLY B 210 20.82 -45.02 43.14
N LEU B 211 22.14 -45.00 43.28
CA LEU B 211 22.95 -46.20 43.34
C LEU B 211 23.53 -46.36 44.75
N SER B 212 23.40 -47.56 45.31
CA SER B 212 23.95 -47.80 46.65
C SER B 212 25.46 -47.68 46.66
N SER B 213 26.11 -48.04 45.55
CA SER B 213 27.55 -47.96 45.42
C SER B 213 27.88 -47.80 43.95
N PRO B 214 29.06 -47.29 43.61
CA PRO B 214 29.38 -47.03 42.20
C PRO B 214 29.17 -48.24 41.31
N VAL B 215 28.67 -47.98 40.11
CA VAL B 215 28.43 -49.00 39.09
C VAL B 215 29.50 -48.86 38.02
N THR B 216 30.10 -49.98 37.62
CA THR B 216 31.17 -50.00 36.63
C THR B 216 30.74 -50.85 35.45
N LYS B 217 30.87 -50.28 34.25
CA LYS B 217 30.71 -51.01 33.00
C LYS B 217 32.04 -50.93 32.25
N SER B 218 32.51 -52.08 31.77
CA SER B 218 33.82 -52.16 31.16
C SER B 218 33.82 -53.16 30.01
N PHE B 219 34.87 -53.10 29.20
CA PHE B 219 35.12 -54.06 28.16
C PHE B 219 36.63 -54.25 28.02
N ASN B 220 37.02 -55.44 27.58
CA ASN B 220 38.40 -55.70 27.21
C ASN B 220 38.59 -55.45 25.73
N ARG B 221 39.67 -54.75 25.38
CA ARG B 221 39.93 -54.40 23.99
C ARG B 221 39.97 -55.62 23.08
N GLY B 222 40.25 -56.80 23.61
CA GLY B 222 40.26 -58.01 22.81
C GLY B 222 38.90 -58.41 22.27
N GLU B 223 37.99 -58.83 23.16
CA GLU B 223 36.68 -59.36 22.77
C GLU B 223 36.83 -60.57 21.84
N MET C 7 -4.19 14.67 14.90
CA MET C 7 -5.24 14.43 15.88
C MET C 7 -6.43 13.71 15.26
N ARG C 8 -7.48 13.52 16.06
CA ARG C 8 -8.73 12.96 15.56
C ARG C 8 -9.68 14.03 15.04
N GLU C 9 -9.37 15.31 15.26
CA GLU C 9 -10.16 16.39 14.69
C GLU C 9 -10.23 16.27 13.17
N GLU C 10 -9.16 15.78 12.54
CA GLU C 10 -9.19 15.51 11.12
C GLU C 10 -10.31 14.54 10.77
N ALA C 11 -10.53 13.52 11.59
CA ALA C 11 -11.59 12.55 11.32
C ALA C 11 -12.97 13.16 11.57
N ASP C 12 -13.11 13.95 12.64
CA ASP C 12 -14.40 14.54 12.94
C ASP C 12 -14.87 15.45 11.82
N GLU C 13 -13.95 16.23 11.24
CA GLU C 13 -14.32 17.11 10.14
C GLU C 13 -14.44 16.36 8.82
N ASP C 14 -13.66 15.29 8.65
CA ASP C 14 -13.78 14.46 7.44
C ASP C 14 -15.21 13.99 7.25
N PHE C 15 -15.77 13.34 8.28
CA PHE C 15 -17.14 12.85 8.16
C PHE C 15 -18.16 13.97 8.22
N LYS C 16 -17.82 15.09 8.86
CA LYS C 16 -18.70 16.25 8.82
C LYS C 16 -18.71 16.91 7.45
N SER C 17 -17.61 16.81 6.72
CA SER C 17 -17.57 17.33 5.35
C SER C 17 -18.47 16.53 4.43
N PHE C 18 -18.57 15.22 4.64
CA PHE C 18 -19.43 14.38 3.81
C PHE C 18 -20.89 14.74 4.00
N VAL C 19 -21.29 15.05 5.23
CA VAL C 19 -22.70 15.36 5.49
C VAL C 19 -23.09 16.68 4.84
N GLU C 20 -22.20 17.67 4.91
CA GLU C 20 -22.48 18.95 4.27
C GLU C 20 -22.62 18.81 2.76
N ALA C 21 -21.73 18.02 2.14
CA ALA C 21 -21.86 17.73 0.72
C ALA C 21 -23.17 17.04 0.41
N ALA C 22 -23.55 16.06 1.24
CA ALA C 22 -24.84 15.41 1.07
C ALA C 22 -25.99 16.38 1.26
N LYS C 23 -25.83 17.35 2.16
CA LYS C 23 -26.87 18.34 2.38
C LYS C 23 -27.07 19.21 1.14
N ASP C 24 -25.97 19.66 0.54
CA ASP C 24 -26.07 20.46 -0.69
C ASP C 24 -26.57 19.62 -1.85
N ASN C 25 -26.11 18.37 -1.95
CA ASN C 25 -26.53 17.50 -3.05
C ASN C 25 -28.01 17.18 -2.96
N PHE C 26 -28.53 16.98 -1.76
CA PHE C 26 -29.96 16.67 -1.64
C PHE C 26 -30.84 17.89 -1.83
N ASN C 27 -30.33 19.09 -1.55
CA ASN C 27 -31.10 20.29 -1.80
C ASN C 27 -31.36 20.47 -3.30
N LYS C 28 -30.31 20.35 -4.11
CA LYS C 28 -30.49 20.38 -5.56
C LYS C 28 -31.31 19.20 -6.06
N PHE C 29 -31.23 18.05 -5.38
CA PHE C 29 -32.06 16.92 -5.74
C PHE C 29 -33.55 17.26 -5.58
N LYS C 30 -33.92 17.87 -4.45
CA LYS C 30 -35.32 18.21 -4.20
C LYS C 30 -35.83 19.22 -5.22
N ALA C 31 -35.04 20.27 -5.51
CA ALA C 31 -35.46 21.33 -6.41
C ALA C 31 -35.73 20.82 -7.83
N ARG C 32 -35.17 19.67 -8.20
CA ARG C 32 -35.33 19.12 -9.54
C ARG C 32 -36.39 18.02 -9.60
N LEU C 33 -37.08 17.73 -8.50
CA LEU C 33 -38.19 16.80 -8.53
C LEU C 33 -39.42 17.44 -9.16
N ARG C 34 -40.18 16.62 -9.89
CA ARG C 34 -41.39 17.10 -10.54
C ARG C 34 -42.35 17.66 -9.50
N LYS C 35 -42.77 18.91 -9.69
CA LYS C 35 -43.73 19.55 -8.81
C LYS C 35 -45.15 19.31 -9.30
N GLY C 36 -46.07 19.24 -8.36
CA GLY C 36 -47.46 19.15 -8.67
C GLY C 36 -48.06 17.79 -8.35
N LYS C 37 -49.17 17.52 -8.99
CA LYS C 37 -49.86 16.27 -8.82
C LYS C 37 -49.07 15.15 -9.50
N ILE C 38 -48.50 14.25 -8.71
CA ILE C 38 -47.78 13.12 -9.25
C ILE C 38 -48.61 11.85 -9.00
N THR C 39 -48.42 10.85 -9.87
CA THR C 39 -49.02 9.53 -9.64
C THR C 39 -48.40 8.96 -8.36
N ARG C 40 -48.54 7.66 -8.11
CA ARG C 40 -47.85 7.16 -6.92
C ARG C 40 -46.58 6.40 -7.27
N GLU C 41 -46.58 5.66 -8.40
CA GLU C 41 -45.38 4.99 -8.85
C GLU C 41 -44.24 5.97 -9.03
N HIS C 42 -44.54 7.18 -9.52
CA HIS C 42 -43.54 8.21 -9.66
C HIS C 42 -42.94 8.63 -8.33
N ARG C 43 -43.73 8.60 -7.25
CA ARG C 43 -43.20 9.02 -5.96
C ARG C 43 -42.10 8.10 -5.46
N GLU C 44 -42.27 6.77 -5.63
CA GLU C 44 -41.25 5.84 -5.18
C GLU C 44 -40.03 5.86 -6.08
N MET C 45 -40.24 6.11 -7.38
CA MET C 45 -39.12 6.39 -8.27
C MET C 45 -38.26 7.53 -7.73
N MET C 46 -38.91 8.56 -7.17
CA MET C 46 -38.14 9.61 -6.51
C MET C 46 -37.42 9.08 -5.29
N LYS C 47 -38.07 8.20 -4.53
CA LYS C 47 -37.50 7.74 -3.27
C LYS C 47 -36.33 6.78 -3.50
N LYS C 48 -36.41 5.94 -4.53
CA LYS C 48 -35.29 5.04 -4.83
C LYS C 48 -34.07 5.83 -5.27
N LEU C 49 -34.26 6.93 -6.00
CA LEU C 49 -33.13 7.76 -6.40
C LEU C 49 -32.52 8.47 -5.20
N ALA C 50 -33.36 8.94 -4.28
CA ALA C 50 -32.85 9.55 -3.06
C ALA C 50 -32.02 8.54 -2.27
N LYS C 51 -32.45 7.28 -2.23
CA LYS C 51 -31.68 6.26 -1.53
C LYS C 51 -30.43 5.88 -2.31
N GLN C 52 -30.53 5.84 -3.64
CA GLN C 52 -29.35 5.61 -4.46
C GLN C 52 -28.33 6.73 -4.26
N ASN C 53 -28.79 7.96 -4.12
CA ASN C 53 -27.87 9.06 -3.85
C ASN C 53 -27.32 9.00 -2.43
N ALA C 54 -28.12 8.51 -1.48
CA ALA C 54 -27.62 8.36 -0.12
C ALA C 54 -26.63 7.21 -0.02
N ASN C 55 -26.84 6.13 -0.79
CA ASN C 55 -25.91 5.01 -0.74
C ASN C 55 -24.56 5.38 -1.34
N LYS C 56 -24.54 6.21 -2.38
CA LYS C 56 -23.27 6.63 -2.96
C LYS C 56 -22.50 7.53 -1.99
N ALA C 57 -23.19 8.45 -1.32
CA ALA C 57 -22.53 9.29 -0.34
C ALA C 57 -22.06 8.49 0.87
N LYS C 58 -22.73 7.38 1.17
CA LYS C 58 -22.36 6.57 2.33
C LYS C 58 -21.13 5.72 2.07
N GLU C 59 -20.92 5.26 0.84
CA GLU C 59 -19.70 4.49 0.57
C GLU C 59 -18.46 5.37 0.58
N ALA C 60 -18.62 6.67 0.31
CA ALA C 60 -17.51 7.59 0.53
C ALA C 60 -17.17 7.71 2.01
N VAL C 61 -18.18 7.59 2.87
CA VAL C 61 -17.93 7.64 4.32
C VAL C 61 -17.16 6.40 4.77
N ARG C 62 -17.59 5.23 4.30
CA ARG C 62 -16.96 3.98 4.71
C ARG C 62 -15.54 3.88 4.16
N LYS C 63 -15.35 4.23 2.89
CA LYS C 63 -14.00 4.26 2.32
C LYS C 63 -13.08 5.16 3.13
N ARG C 64 -13.59 6.28 3.62
CA ARG C 64 -12.79 7.16 4.47
C ARG C 64 -12.57 6.52 5.84
N LEU C 65 -13.57 5.80 6.34
CA LEU C 65 -13.43 5.15 7.64
C LEU C 65 -12.34 4.09 7.61
N SER C 66 -12.23 3.34 6.51
CA SER C 66 -11.21 2.31 6.41
C SER C 66 -9.81 2.92 6.33
N GLU C 67 -9.66 4.07 5.68
CA GLU C 67 -8.36 4.71 5.58
C GLU C 67 -7.84 5.14 6.94
N LEU C 68 -8.68 5.82 7.72
CA LEU C 68 -8.24 6.32 9.02
C LEU C 68 -7.98 5.18 10.00
N LEU C 69 -8.76 4.09 9.92
CA LEU C 69 -8.47 2.91 10.73
C LEU C 69 -7.09 2.36 10.43
N SER C 70 -6.76 2.22 9.14
CA SER C 70 -5.41 1.80 8.75
C SER C 70 -4.38 2.77 9.28
N LYS C 71 -4.72 4.06 9.29
CA LYS C 71 -3.78 5.04 9.84
C LYS C 71 -3.66 4.90 11.34
N ILE C 72 -4.77 4.65 12.06
CA ILE C 72 -4.72 4.53 13.52
C ILE C 72 -3.84 3.36 13.94
N ASN C 73 -4.01 2.20 13.30
CA ASN C 73 -3.27 1.01 13.70
C ASN C 73 -1.77 1.18 13.45
N ASP C 74 -1.42 1.88 12.38
CA ASP C 74 -0.01 2.06 12.02
C ASP C 74 0.66 3.20 12.77
N MET C 75 -0.01 3.83 13.85
CA MET C 75 0.79 4.87 14.49
C MET C 75 1.43 4.36 15.77
N PRO C 76 2.60 4.90 16.11
CA PRO C 76 3.35 4.37 17.24
C PRO C 76 2.74 4.71 18.59
N ILE C 77 1.48 4.33 18.82
CA ILE C 77 0.79 4.65 20.06
C ILE C 77 0.44 3.36 20.79
N THR C 78 -0.04 3.51 22.03
CA THR C 78 -0.39 2.36 22.83
C THR C 78 -1.63 1.66 22.26
N ASN C 79 -1.63 0.32 22.31
CA ASN C 79 -2.69 -0.44 21.65
C ASN C 79 -4.06 -0.17 22.27
N ASP C 80 -4.12 0.10 23.57
CA ASP C 80 -5.40 0.51 24.14
C ASP C 80 -5.82 1.87 23.59
N GLN C 81 -4.87 2.66 23.09
CA GLN C 81 -5.23 3.90 22.39
C GLN C 81 -5.58 3.67 20.93
N LYS C 82 -5.15 2.55 20.33
CA LYS C 82 -5.69 2.21 19.02
C LYS C 82 -7.17 1.87 19.12
N LYS C 83 -7.55 1.14 20.17
CA LYS C 83 -8.90 0.61 20.28
C LYS C 83 -9.94 1.72 20.44
N LEU C 84 -9.72 2.67 21.37
CA LEU C 84 -10.73 3.71 21.59
C LEU C 84 -10.80 4.67 20.41
N MET C 85 -9.65 5.02 19.82
CA MET C 85 -9.68 5.87 18.63
C MET C 85 -10.44 5.18 17.49
N SER C 86 -10.29 3.85 17.37
CA SER C 86 -11.03 3.11 16.37
C SER C 86 -12.53 3.11 16.66
N ASN C 87 -12.91 3.20 17.94
CA ASN C 87 -14.33 3.21 18.28
C ASN C 87 -14.94 4.60 18.12
N GLN C 88 -14.15 5.66 18.33
CA GLN C 88 -14.67 7.01 18.13
C GLN C 88 -14.80 7.36 16.66
N VAL C 89 -13.82 6.97 15.85
CA VAL C 89 -13.89 7.22 14.41
C VAL C 89 -15.00 6.37 13.79
N LEU C 90 -15.29 5.21 14.38
CA LEU C 90 -16.45 4.44 13.93
C LEU C 90 -17.76 5.15 14.29
N GLN C 91 -17.80 5.79 15.46
CA GLN C 91 -19.01 6.51 15.86
C GLN C 91 -19.22 7.74 14.99
N PHE C 92 -18.12 8.42 14.62
CA PHE C 92 -18.23 9.55 13.70
C PHE C 92 -18.84 9.11 12.37
N ALA C 93 -18.34 8.00 11.81
CA ALA C 93 -18.87 7.52 10.55
C ALA C 93 -20.30 7.02 10.69
N ASP C 94 -20.65 6.44 11.84
CA ASP C 94 -22.02 6.01 12.06
C ASP C 94 -22.97 7.20 12.13
N ASP C 95 -22.57 8.28 12.83
CA ASP C 95 -23.39 9.48 12.86
C ASP C 95 -23.55 10.08 11.46
N ALA C 96 -22.45 10.12 10.70
CA ALA C 96 -22.52 10.66 9.34
C ALA C 96 -23.50 9.87 8.48
N GLU C 97 -23.48 8.54 8.59
CA GLU C 97 -24.39 7.72 7.79
C GLU C 97 -25.84 7.90 8.22
N ALA C 98 -26.08 8.18 9.50
CA ALA C 98 -27.46 8.35 9.96
C ALA C 98 -28.06 9.64 9.43
N GLU C 99 -27.30 10.74 9.47
CA GLU C 99 -27.80 12.00 8.94
C GLU C 99 -28.00 11.95 7.43
N ILE C 100 -27.08 11.28 6.72
CA ILE C 100 -27.25 11.11 5.29
C ILE C 100 -28.55 10.38 4.99
N ASP C 101 -28.86 9.35 5.78
CA ASP C 101 -30.16 8.68 5.65
C ASP C 101 -31.30 9.64 5.93
N GLN C 102 -31.15 10.48 6.96
CA GLN C 102 -32.20 11.44 7.29
C GLN C 102 -32.38 12.45 6.18
N LEU C 103 -31.28 12.89 5.55
CA LEU C 103 -31.39 13.83 4.44
C LEU C 103 -32.13 13.20 3.26
N ALA C 104 -31.94 11.91 3.03
CA ALA C 104 -32.61 11.24 1.91
C ALA C 104 -34.09 11.09 2.17
N ALA C 105 -34.47 10.76 3.42
CA ALA C 105 -35.88 10.59 3.75
C ALA C 105 -36.62 11.91 3.66
N LYS C 106 -36.10 12.96 4.29
CA LYS C 106 -36.76 14.26 4.27
C LYS C 106 -36.77 14.89 2.88
N ALA C 107 -35.96 14.37 1.95
CA ALA C 107 -35.99 14.88 0.58
C ALA C 107 -37.29 14.53 -0.13
N THR C 108 -37.98 13.48 0.29
CA THR C 108 -39.27 13.09 -0.29
C THR C 108 -40.37 13.10 0.76
N LYS C 109 -40.29 14.03 1.71
CA LYS C 109 -41.26 14.07 2.80
C LYS C 109 -42.64 14.46 2.28
N GLU C 110 -43.67 13.87 2.86
CA GLU C 110 -45.04 14.13 2.44
C GLU C 110 -45.52 15.48 2.95
N PHE C 111 -46.49 16.05 2.21
CA PHE C 111 -47.25 17.23 2.64
C PHE C 111 -46.38 18.49 2.70
N THR C 112 -45.32 18.55 1.90
CA THR C 112 -44.61 19.79 1.67
C THR C 112 -45.17 20.45 0.40
N GLY C 113 -44.58 21.58 0.01
CA GLY C 113 -45.05 22.29 -1.17
C GLY C 113 -44.85 21.54 -2.47
N GLY C 114 -43.86 20.66 -2.53
CA GLY C 114 -43.42 20.03 -3.78
C GLY C 114 -44.49 19.30 -4.57
N SER C 115 -44.82 18.09 -4.16
CA SER C 115 -45.75 17.25 -4.90
C SER C 115 -46.75 16.63 -3.92
N TRP C 116 -47.79 16.01 -4.47
CA TRP C 116 -48.84 15.44 -3.63
C TRP C 116 -49.58 14.35 -4.39
N LEU C 117 -50.36 13.59 -3.63
CA LEU C 117 -51.35 12.68 -4.21
C LEU C 117 -52.70 12.98 -3.56
N ARG D 12 -19.95 3.47 -8.19
CA ARG D 12 -18.80 4.04 -7.51
C ARG D 12 -18.64 5.52 -7.84
N GLU D 13 -17.39 5.97 -7.94
CA GLU D 13 -17.10 7.34 -8.31
C GLU D 13 -17.17 7.52 -9.82
N VAL D 14 -17.58 8.71 -10.23
CA VAL D 14 -17.79 9.02 -11.65
C VAL D 14 -16.44 9.42 -12.25
N GLN D 15 -15.97 8.64 -13.21
CA GLN D 15 -14.66 8.87 -13.82
C GLN D 15 -14.71 8.64 -15.32
N LEU D 16 -13.82 9.33 -16.03
CA LEU D 16 -13.59 9.14 -17.45
C LEU D 16 -12.09 8.97 -17.64
N VAL D 17 -11.68 7.78 -18.09
CA VAL D 17 -10.27 7.46 -18.29
C VAL D 17 -10.01 7.42 -19.79
N GLU D 18 -9.05 8.24 -20.23
CA GLU D 18 -8.72 8.38 -21.63
C GLU D 18 -7.46 7.60 -21.98
N SER D 19 -7.50 6.95 -23.14
CA SER D 19 -6.32 6.37 -23.76
C SER D 19 -6.37 6.69 -25.24
N GLY D 20 -5.23 6.58 -25.89
CA GLY D 20 -5.13 6.93 -27.29
C GLY D 20 -3.80 7.58 -27.59
N GLY D 21 -3.42 7.50 -28.86
CA GLY D 21 -2.06 7.82 -29.24
C GLY D 21 -1.67 9.25 -28.92
N GLY D 22 -0.36 9.49 -28.91
CA GLY D 22 0.17 10.82 -28.72
C GLY D 22 0.79 11.37 -29.98
N LEU D 23 1.87 10.75 -30.44
CA LEU D 23 2.60 11.22 -31.62
C LEU D 23 2.07 10.53 -32.86
N ALA D 24 1.78 11.32 -33.90
CA ALA D 24 1.41 10.79 -35.20
C ALA D 24 1.97 11.72 -36.27
N LYS D 25 2.16 11.16 -37.46
CA LYS D 25 2.69 11.95 -38.57
C LYS D 25 1.56 12.59 -39.35
N PRO D 26 1.83 13.71 -40.02
CA PRO D 26 0.81 14.34 -40.87
C PRO D 26 0.21 13.35 -41.86
N GLY D 27 -1.11 13.33 -41.94
CA GLY D 27 -1.84 12.34 -42.71
C GLY D 27 -2.05 11.01 -42.00
N GLY D 28 -1.45 10.83 -40.83
CA GLY D 28 -1.64 9.61 -40.06
C GLY D 28 -2.97 9.57 -39.34
N SER D 29 -3.13 8.54 -38.51
CA SER D 29 -4.38 8.31 -37.82
C SER D 29 -4.12 7.91 -36.38
N LEU D 30 -5.07 8.30 -35.52
CA LEU D 30 -5.08 7.91 -34.12
C LEU D 30 -6.53 7.69 -33.71
N ARG D 31 -6.71 6.88 -32.67
CA ARG D 31 -8.05 6.61 -32.15
C ARG D 31 -8.04 6.76 -30.63
N LEU D 32 -8.71 7.80 -30.15
CA LEU D 32 -8.82 8.05 -28.72
C LEU D 32 -9.97 7.24 -28.14
N SER D 33 -9.75 6.65 -26.98
CA SER D 33 -10.81 5.94 -26.27
C SER D 33 -11.04 6.59 -24.92
N CYS D 34 -12.29 6.56 -24.47
CA CYS D 34 -12.71 7.18 -23.22
C CYS D 34 -13.51 6.15 -22.44
N ALA D 35 -12.92 5.59 -21.40
CA ALA D 35 -13.59 4.59 -20.57
C ALA D 35 -14.34 5.28 -19.44
N ALA D 36 -15.62 4.97 -19.31
CA ALA D 36 -16.48 5.56 -18.29
C ALA D 36 -16.80 4.54 -17.20
N SER D 37 -16.92 5.03 -15.98
CA SER D 37 -17.26 4.19 -14.85
C SER D 37 -17.89 5.05 -13.76
N GLY D 38 -18.78 4.45 -12.99
CA GLY D 38 -19.40 5.12 -11.87
C GLY D 38 -20.73 5.77 -12.17
N PHE D 39 -21.27 5.60 -13.37
CA PHE D 39 -22.54 6.21 -13.72
C PHE D 39 -23.10 5.51 -14.95
N THR D 40 -24.41 5.66 -15.15
CA THR D 40 -25.06 5.12 -16.33
C THR D 40 -24.65 5.94 -17.55
N PHE D 41 -23.91 5.32 -18.46
CA PHE D 41 -23.24 6.04 -19.54
C PHE D 41 -24.15 6.29 -20.74
N SER D 42 -25.12 5.40 -20.99
CA SER D 42 -25.94 5.48 -22.19
C SER D 42 -26.72 6.78 -22.35
N PRO D 43 -27.45 7.28 -21.34
CA PRO D 43 -28.43 8.35 -21.62
C PRO D 43 -27.81 9.70 -21.95
N TYR D 44 -26.57 9.97 -21.55
CA TYR D 44 -26.01 11.31 -21.65
C TYR D 44 -25.29 11.53 -22.98
N TRP D 45 -25.42 12.75 -23.50
CA TRP D 45 -24.56 13.18 -24.60
C TRP D 45 -23.11 13.21 -24.15
N MET D 46 -22.20 12.96 -25.08
CA MET D 46 -20.77 12.92 -24.80
C MET D 46 -20.02 13.87 -25.73
N TYR D 47 -18.93 14.43 -25.20
CA TYR D 47 -18.17 15.49 -25.87
C TYR D 47 -16.70 15.13 -25.95
N TRP D 48 -16.07 15.55 -27.05
CA TRP D 48 -14.61 15.64 -27.14
C TRP D 48 -14.27 17.12 -27.22
N VAL D 49 -13.46 17.58 -26.27
CA VAL D 49 -13.01 18.97 -26.20
C VAL D 49 -11.50 18.97 -26.34
N ARG D 50 -10.97 19.92 -27.10
CA ARG D 50 -9.53 20.01 -27.27
C ARG D 50 -9.06 21.41 -26.93
N GLN D 51 -7.78 21.50 -26.62
CA GLN D 51 -7.12 22.77 -26.33
C GLN D 51 -5.73 22.67 -26.90
N ALA D 52 -5.48 23.42 -27.97
CA ALA D 52 -4.13 23.47 -28.49
C ALA D 52 -3.23 24.13 -27.46
N PRO D 53 -1.91 23.88 -27.51
CA PRO D 53 -1.03 24.31 -26.40
C PRO D 53 -0.98 25.82 -26.16
N GLY D 54 -1.81 26.35 -25.26
CA GLY D 54 -1.80 27.78 -24.97
C GLY D 54 -2.96 28.58 -25.52
N LYS D 55 -3.99 27.91 -26.07
CA LYS D 55 -5.19 28.54 -26.59
C LYS D 55 -6.43 28.15 -25.77
N GLY D 56 -7.59 28.55 -26.26
CA GLY D 56 -8.82 28.32 -25.53
C GLY D 56 -9.37 26.92 -25.70
N LEU D 57 -10.34 26.60 -24.85
CA LEU D 57 -11.09 25.36 -24.98
C LEU D 57 -12.07 25.47 -26.14
N GLU D 58 -12.22 24.37 -26.89
CA GLU D 58 -13.20 24.33 -27.96
C GLU D 58 -13.74 22.92 -28.07
N TRP D 59 -15.06 22.81 -28.25
CA TRP D 59 -15.65 21.51 -28.57
C TRP D 59 -15.15 21.07 -29.95
N VAL D 60 -14.91 19.76 -30.08
CA VAL D 60 -14.46 19.14 -31.32
C VAL D 60 -15.56 18.30 -31.95
N SER D 61 -16.15 17.39 -31.16
CA SER D 61 -17.15 16.47 -31.64
C SER D 61 -18.18 16.22 -30.53
N VAL D 62 -19.42 15.99 -30.95
CA VAL D 62 -20.54 15.73 -30.05
C VAL D 62 -21.33 14.56 -30.59
N ILE D 63 -21.78 13.69 -29.70
CA ILE D 63 -22.67 12.59 -30.06
C ILE D 63 -23.76 12.46 -29.01
N ASN D 64 -24.98 12.17 -29.44
CA ASN D 64 -26.08 11.93 -28.51
C ASN D 64 -26.06 10.46 -28.09
N SER D 65 -27.11 10.03 -27.41
CA SER D 65 -27.18 8.68 -26.83
C SER D 65 -27.22 7.67 -27.96
N GLY D 66 -26.06 7.06 -28.25
CA GLY D 66 -25.90 6.04 -29.28
C GLY D 66 -26.70 6.26 -30.55
N GLY D 67 -26.71 7.49 -31.05
CA GLY D 67 -27.65 7.82 -32.09
C GLY D 67 -27.09 8.55 -33.29
N GLY D 68 -27.98 9.10 -34.09
CA GLY D 68 -27.62 9.68 -35.36
C GLY D 68 -27.62 11.20 -35.31
N ILE D 69 -27.48 11.76 -34.12
CA ILE D 69 -27.17 13.18 -33.96
C ILE D 69 -25.70 13.28 -33.61
N THR D 70 -24.94 13.91 -34.50
CA THR D 70 -23.50 13.98 -34.35
C THR D 70 -23.04 15.34 -34.84
N TYR D 71 -22.02 15.90 -34.20
CA TYR D 71 -21.55 17.24 -34.52
C TYR D 71 -20.03 17.27 -34.62
N TYR D 72 -19.53 18.06 -35.57
CA TYR D 72 -18.10 18.21 -35.80
C TYR D 72 -17.82 19.67 -36.08
N THR D 73 -16.79 20.20 -35.44
CA THR D 73 -16.35 21.55 -35.76
C THR D 73 -15.84 21.58 -37.20
N ASP D 74 -15.88 22.77 -37.80
CA ASP D 74 -15.64 22.90 -39.24
C ASP D 74 -14.26 22.36 -39.64
N SER D 75 -13.23 22.72 -38.89
CA SER D 75 -11.86 22.31 -39.23
C SER D 75 -11.61 20.82 -39.08
N VAL D 76 -12.66 20.03 -38.85
CA VAL D 76 -12.50 18.64 -38.46
C VAL D 76 -13.53 17.81 -39.22
N LYS D 77 -14.60 18.47 -39.65
CA LYS D 77 -15.59 17.88 -40.54
C LYS D 77 -14.91 17.10 -41.67
N GLY D 78 -15.19 15.80 -41.73
CA GLY D 78 -14.71 14.97 -42.82
C GLY D 78 -13.57 14.06 -42.44
N ARG D 79 -12.79 14.43 -41.43
CA ARG D 79 -11.62 13.67 -41.01
C ARG D 79 -11.77 12.98 -39.67
N PHE D 80 -12.51 13.56 -38.72
CA PHE D 80 -12.72 12.92 -37.43
C PHE D 80 -14.06 12.18 -37.44
N THR D 81 -14.15 11.16 -36.60
CA THR D 81 -15.39 10.39 -36.45
C THR D 81 -15.59 10.09 -34.97
N ILE D 82 -16.63 10.66 -34.38
CA ILE D 82 -16.97 10.38 -32.99
C ILE D 82 -17.96 9.23 -32.98
N SER D 83 -17.76 8.28 -32.05
CA SER D 83 -18.67 7.15 -31.92
C SER D 83 -18.64 6.67 -30.48
N ARG D 84 -19.61 5.83 -30.14
CA ARG D 84 -19.69 5.29 -28.79
C ARG D 84 -20.28 3.89 -28.84
N GLU D 85 -19.99 3.12 -27.80
CA GLU D 85 -20.53 1.77 -27.61
CA GLU D 85 -20.53 1.77 -27.61
C GLU D 85 -21.09 1.71 -26.20
N ASN D 86 -22.39 1.96 -26.08
CA ASN D 86 -23.03 2.03 -24.77
C ASN D 86 -22.92 0.71 -24.00
N ALA D 87 -22.90 -0.42 -24.70
CA ALA D 87 -22.74 -1.70 -24.04
C ALA D 87 -21.35 -1.85 -23.41
N LYS D 88 -20.40 -1.00 -23.79
CA LYS D 88 -19.05 -1.05 -23.24
C LYS D 88 -18.68 0.19 -22.44
N ASN D 89 -19.58 1.17 -22.34
CA ASN D 89 -19.31 2.42 -21.61
C ASN D 89 -18.06 3.11 -22.14
N THR D 90 -17.92 3.16 -23.46
CA THR D 90 -16.72 3.68 -24.08
C THR D 90 -17.08 4.65 -25.20
N LEU D 91 -16.36 5.76 -25.25
CA LEU D 91 -16.50 6.77 -26.29
C LEU D 91 -15.23 6.79 -27.12
N TYR D 92 -15.36 7.02 -28.42
CA TYR D 92 -14.24 6.99 -29.33
C TYR D 92 -14.17 8.28 -30.14
N LEU D 93 -12.96 8.66 -30.53
CA LEU D 93 -12.74 9.72 -31.51
C LEU D 93 -11.70 9.22 -32.51
N GLN D 94 -12.16 8.84 -33.70
CA GLN D 94 -11.27 8.42 -34.77
C GLN D 94 -10.74 9.64 -35.48
N MET D 95 -9.42 9.81 -35.49
CA MET D 95 -8.77 10.98 -36.09
C MET D 95 -8.00 10.53 -37.32
N ASP D 96 -8.47 10.93 -38.50
CA ASP D 96 -7.82 10.62 -39.76
C ASP D 96 -7.30 11.88 -40.43
N SER D 97 -6.32 11.71 -41.31
CA SER D 97 -5.72 12.81 -42.06
C SER D 97 -5.26 13.92 -41.13
N LEU D 98 -4.47 13.54 -40.14
CA LEU D 98 -4.08 14.46 -39.07
C LEU D 98 -3.22 15.59 -39.63
N ARG D 99 -3.57 16.82 -39.26
CA ARG D 99 -2.86 18.04 -39.62
C ARG D 99 -2.08 18.57 -38.42
N PRO D 100 -1.04 19.38 -38.65
CA PRO D 100 -0.32 19.96 -37.51
C PRO D 100 -1.19 20.77 -36.57
N GLU D 101 -2.21 21.46 -37.08
CA GLU D 101 -3.08 22.23 -36.19
C GLU D 101 -3.99 21.37 -35.34
N ASP D 102 -4.01 20.05 -35.55
CA ASP D 102 -4.70 19.14 -34.65
C ASP D 102 -3.93 18.86 -33.37
N THR D 103 -2.69 19.34 -33.27
CA THR D 103 -1.89 19.18 -32.07
C THR D 103 -2.56 19.89 -30.90
N ALA D 104 -3.01 19.14 -29.91
CA ALA D 104 -3.76 19.69 -28.79
C ALA D 104 -3.86 18.62 -27.71
N VAL D 105 -4.28 19.05 -26.52
CA VAL D 105 -4.74 18.14 -25.48
C VAL D 105 -6.23 17.90 -25.69
N TYR D 106 -6.64 16.64 -25.69
CA TYR D 106 -8.01 16.24 -25.99
C TYR D 106 -8.64 15.66 -24.74
N TYR D 107 -9.83 16.16 -24.40
CA TYR D 107 -10.59 15.68 -23.26
C TYR D 107 -11.91 15.09 -23.75
N CYS D 108 -12.33 13.98 -23.15
CA CYS D 108 -13.70 13.53 -23.26
C CYS D 108 -14.48 14.05 -22.05
N VAL D 109 -15.69 14.53 -22.29
CA VAL D 109 -16.48 15.20 -21.27
C VAL D 109 -17.90 14.64 -21.29
N ARG D 110 -18.42 14.34 -20.10
CA ARG D 110 -19.81 13.91 -19.93
C ARG D 110 -20.70 15.12 -19.76
N ASP D 111 -21.86 15.11 -20.41
CA ASP D 111 -22.89 16.12 -20.21
C ASP D 111 -23.96 15.52 -19.30
N ARG D 112 -24.02 16.01 -18.06
CA ARG D 112 -24.98 15.49 -17.08
C ARG D 112 -26.30 16.23 -17.24
N THR D 113 -26.96 15.97 -18.36
CA THR D 113 -28.25 16.57 -18.68
C THR D 113 -29.17 15.48 -19.21
N TYR D 114 -30.24 15.17 -18.46
CA TYR D 114 -31.23 14.20 -18.89
C TYR D 114 -32.54 14.48 -18.19
N TYR D 115 -33.62 14.47 -18.96
CA TYR D 115 -34.95 14.84 -18.48
C TYR D 115 -35.84 13.60 -18.41
N SER D 116 -36.11 13.14 -17.18
CA SER D 116 -36.95 11.98 -16.94
C SER D 116 -38.39 12.36 -16.61
N GLY D 117 -38.74 13.64 -16.67
CA GLY D 117 -40.07 14.07 -16.29
C GLY D 117 -40.28 14.07 -14.79
N VAL D 118 -40.18 12.89 -14.17
CA VAL D 118 -40.27 12.78 -12.72
C VAL D 118 -39.13 13.53 -12.05
N TYR D 119 -37.97 13.59 -12.69
CA TYR D 119 -36.80 14.31 -12.19
C TYR D 119 -35.92 14.61 -13.40
N TYR D 120 -34.84 15.36 -13.15
CA TYR D 120 -33.90 15.69 -14.23
C TYR D 120 -32.58 16.17 -13.62
N THR D 121 -31.56 16.21 -14.47
CA THR D 121 -30.32 16.91 -14.19
C THR D 121 -29.99 17.79 -15.38
N GLU D 122 -29.28 18.88 -15.15
CA GLU D 122 -28.86 19.77 -16.22
C GLU D 122 -27.63 20.56 -15.75
N ASP D 123 -26.59 19.82 -15.36
CA ASP D 123 -25.32 20.39 -14.95
C ASP D 123 -24.41 20.75 -16.12
N GLY D 124 -24.71 20.27 -17.33
CA GLY D 124 -23.80 20.49 -18.44
C GLY D 124 -22.56 19.62 -18.32
N LEU D 125 -21.46 20.12 -18.87
CA LEU D 125 -20.20 19.37 -18.94
C LEU D 125 -19.55 19.38 -17.57
N ASP D 126 -19.80 18.35 -16.76
CA ASP D 126 -19.34 18.34 -15.37
C ASP D 126 -18.23 17.35 -15.07
N SER D 127 -18.07 16.29 -15.86
CA SER D 127 -17.07 15.27 -15.59
C SER D 127 -16.14 15.15 -16.79
N TRP D 128 -14.84 15.33 -16.54
CA TRP D 128 -13.83 15.40 -17.59
C TRP D 128 -12.81 14.28 -17.43
N GLY D 129 -12.31 13.79 -18.56
CA GLY D 129 -11.19 12.89 -18.53
C GLY D 129 -9.89 13.62 -18.22
N GLN D 130 -8.86 12.84 -17.92
CA GLN D 130 -7.58 13.45 -17.53
C GLN D 130 -6.93 14.19 -18.69
N GLY D 131 -7.36 13.97 -19.92
CA GLY D 131 -6.77 14.60 -21.08
C GLY D 131 -5.51 13.91 -21.58
N VAL D 132 -5.42 13.70 -22.89
CA VAL D 132 -4.22 13.13 -23.52
C VAL D 132 -3.73 14.08 -24.60
N LEU D 133 -2.42 14.19 -24.73
CA LEU D 133 -1.81 15.06 -25.73
C LEU D 133 -1.65 14.32 -27.05
N VAL D 134 -2.11 14.95 -28.13
CA VAL D 134 -1.92 14.46 -29.49
C VAL D 134 -0.98 15.42 -30.19
N THR D 135 0.14 14.89 -30.70
CA THR D 135 1.15 15.69 -31.38
C THR D 135 1.25 15.22 -32.82
N VAL D 136 0.95 16.10 -33.76
CA VAL D 136 1.04 15.79 -35.18
C VAL D 136 2.34 16.40 -35.68
N SER D 137 3.36 15.56 -35.84
CA SER D 137 4.67 16.03 -36.25
C SER D 137 5.40 14.92 -36.99
N SER D 138 6.26 15.32 -37.93
CA SER D 138 7.10 14.36 -38.62
C SER D 138 8.35 14.00 -37.84
N ALA D 139 8.66 14.71 -36.75
CA ALA D 139 9.83 14.39 -35.94
C ALA D 139 9.63 13.06 -35.22
N SER D 140 10.76 12.44 -34.86
CA SER D 140 10.78 11.11 -34.27
C SER D 140 10.82 11.20 -32.74
N THR D 141 10.29 10.18 -32.09
CA THR D 141 10.36 10.11 -30.64
C THR D 141 11.81 9.94 -30.19
N LYS D 142 12.17 10.64 -29.12
CA LYS D 142 13.52 10.56 -28.59
C LYS D 142 13.51 10.81 -27.09
N GLY D 143 14.15 9.94 -26.33
CA GLY D 143 14.26 10.08 -24.90
C GLY D 143 15.22 11.18 -24.50
N PRO D 144 15.06 11.70 -23.28
CA PRO D 144 15.92 12.79 -22.82
C PRO D 144 17.15 12.30 -22.08
N SER D 145 18.10 13.22 -21.94
CA SER D 145 19.22 13.08 -21.02
C SER D 145 18.94 13.90 -19.77
N VAL D 146 19.33 13.36 -18.61
CA VAL D 146 19.07 14.00 -17.32
C VAL D 146 20.40 14.33 -16.67
N PHE D 147 20.63 15.62 -16.41
CA PHE D 147 21.86 16.10 -15.80
C PHE D 147 21.55 16.87 -14.52
N PRO D 148 22.39 16.73 -13.49
CA PRO D 148 22.13 17.45 -12.24
C PRO D 148 22.45 18.94 -12.36
N LEU D 149 21.63 19.74 -11.67
CA LEU D 149 21.86 21.17 -11.51
C LEU D 149 22.26 21.42 -10.07
N ALA D 150 23.54 21.71 -9.85
CA ALA D 150 24.09 21.92 -8.52
C ALA D 150 24.98 23.15 -8.53
N PRO D 151 25.03 23.89 -7.43
CA PRO D 151 25.93 25.05 -7.36
C PRO D 151 27.38 24.61 -7.35
N SER D 152 28.25 25.53 -7.78
CA SER D 152 29.69 25.27 -7.78
C SER D 152 30.21 25.06 -6.36
N SER D 153 31.44 24.55 -6.27
CA SER D 153 32.06 24.27 -4.99
C SER D 153 32.31 25.51 -4.15
N LYS D 154 32.21 26.70 -4.74
CA LYS D 154 32.39 27.94 -3.98
C LYS D 154 31.35 28.02 -2.87
N SER D 155 31.83 28.07 -1.63
CA SER D 155 30.92 28.12 -0.49
C SER D 155 30.17 29.44 -0.44
N THR D 156 28.90 29.37 -0.06
CA THR D 156 28.06 30.54 0.08
C THR D 156 27.37 30.50 1.43
N SER D 157 27.04 31.69 1.95
CA SER D 157 26.45 31.83 3.28
C SER D 157 24.96 32.09 3.24
N GLY D 158 24.32 31.90 2.09
CA GLY D 158 22.88 32.10 2.01
C GLY D 158 22.12 31.01 2.72
N GLY D 159 20.97 31.39 3.28
CA GLY D 159 20.12 30.43 3.97
C GLY D 159 19.38 29.48 3.05
N THR D 160 19.21 29.86 1.78
CA THR D 160 18.45 29.08 0.82
C THR D 160 19.36 28.60 -0.31
N ALA D 161 19.30 27.31 -0.59
CA ALA D 161 20.07 26.71 -1.67
C ALA D 161 19.14 26.26 -2.78
N ALA D 162 19.62 26.37 -4.01
CA ALA D 162 18.87 25.91 -5.19
C ALA D 162 19.58 24.75 -5.84
N LEU D 163 18.81 23.75 -6.25
CA LEU D 163 19.33 22.64 -7.04
C LEU D 163 18.22 22.16 -7.96
N GLY D 164 18.59 21.40 -8.98
CA GLY D 164 17.61 20.99 -9.95
C GLY D 164 18.10 19.88 -10.86
N CYS D 165 17.33 19.63 -11.91
CA CYS D 165 17.67 18.64 -12.93
C CYS D 165 17.40 19.23 -14.31
N LEU D 166 18.34 19.04 -15.22
CA LEU D 166 18.20 19.48 -16.60
C LEU D 166 17.77 18.28 -17.44
N VAL D 167 16.60 18.37 -18.03
CA VAL D 167 16.05 17.32 -18.89
C VAL D 167 16.17 17.81 -20.33
N LYS D 168 17.10 17.23 -21.08
CA LYS D 168 17.54 17.83 -22.34
C LYS D 168 17.32 16.90 -23.53
N ASP D 169 16.87 17.49 -24.65
CA ASP D 169 16.73 16.84 -25.95
C ASP D 169 15.79 15.64 -25.93
N TYR D 170 14.49 15.90 -25.93
CA TYR D 170 13.50 14.83 -25.98
C TYR D 170 12.39 15.24 -26.94
N PHE D 171 11.59 14.26 -27.32
CA PHE D 171 10.44 14.50 -28.19
C PHE D 171 9.55 13.26 -28.18
N PRO D 172 8.22 13.47 -28.15
CA PRO D 172 7.59 14.78 -27.98
C PRO D 172 7.33 15.11 -26.51
N GLU D 173 6.52 16.12 -26.26
CA GLU D 173 5.97 16.36 -24.93
C GLU D 173 5.04 15.20 -24.58
N PRO D 174 4.79 14.97 -23.29
CA PRO D 174 5.30 15.71 -22.15
C PRO D 174 6.36 14.95 -21.37
N VAL D 175 7.02 15.65 -20.45
CA VAL D 175 7.85 15.02 -19.45
C VAL D 175 7.38 15.53 -18.09
N THR D 176 7.30 14.63 -17.11
CA THR D 176 6.94 14.99 -15.75
C THR D 176 8.13 14.82 -14.85
N VAL D 177 8.30 15.74 -13.91
CA VAL D 177 9.39 15.70 -12.94
C VAL D 177 8.79 15.88 -11.55
N SER D 178 9.08 14.93 -10.66
CA SER D 178 8.77 15.05 -9.24
C SER D 178 10.08 15.01 -8.46
N TRP D 179 9.99 15.29 -7.17
CA TRP D 179 11.17 15.32 -6.30
C TRP D 179 10.92 14.44 -5.08
N ASN D 180 11.84 13.50 -4.84
CA ASN D 180 11.75 12.58 -3.72
C ASN D 180 10.41 11.84 -3.72
N SER D 181 10.08 11.27 -4.89
CA SER D 181 8.89 10.46 -5.09
C SER D 181 7.61 11.21 -4.75
N GLY D 182 7.64 12.54 -4.80
CA GLY D 182 6.49 13.36 -4.49
C GLY D 182 6.46 13.92 -3.09
N ALA D 183 7.38 13.47 -2.21
CA ALA D 183 7.42 14.00 -0.85
C ALA D 183 7.86 15.45 -0.80
N LEU D 184 8.52 15.94 -1.85
CA LEU D 184 9.00 17.32 -1.91
C LEU D 184 8.27 18.03 -3.03
N THR D 185 7.34 18.91 -2.67
CA THR D 185 6.61 19.73 -3.63
C THR D 185 6.71 21.22 -3.35
N SER D 186 7.03 21.62 -2.12
CA SER D 186 7.12 23.02 -1.78
C SER D 186 8.43 23.60 -2.33
N GLY D 187 8.33 24.73 -3.01
CA GLY D 187 9.49 25.37 -3.59
C GLY D 187 9.95 24.80 -4.92
N VAL D 188 9.21 23.85 -5.48
CA VAL D 188 9.56 23.22 -6.75
C VAL D 188 9.05 24.09 -7.89
N HIS D 189 9.90 24.32 -8.89
CA HIS D 189 9.50 25.02 -10.11
C HIS D 189 9.96 24.17 -11.30
N THR D 190 9.01 23.58 -12.02
CA THR D 190 9.29 22.88 -13.26
C THR D 190 8.95 23.81 -14.41
N PHE D 191 9.98 24.21 -15.17
CA PHE D 191 9.78 25.18 -16.23
C PHE D 191 9.12 24.53 -17.43
N PRO D 192 8.27 25.27 -18.13
CA PRO D 192 7.69 24.73 -19.37
C PRO D 192 8.80 24.45 -20.38
N ALA D 193 8.62 23.38 -21.14
CA ALA D 193 9.61 22.98 -22.12
C ALA D 193 9.84 24.08 -23.14
N VAL D 194 11.09 24.20 -23.58
CA VAL D 194 11.44 25.07 -24.70
C VAL D 194 11.94 24.18 -25.83
N LEU D 195 11.53 24.49 -27.05
CA LEU D 195 11.97 23.75 -28.22
C LEU D 195 13.26 24.37 -28.71
N GLN D 196 14.36 23.63 -28.58
CA GLN D 196 15.65 24.11 -29.03
C GLN D 196 15.70 24.17 -30.55
N SER D 197 16.72 24.86 -31.07
CA SER D 197 16.87 25.00 -32.51
C SER D 197 17.06 23.65 -33.20
N SER D 198 17.49 22.63 -32.46
CA SER D 198 17.64 21.29 -33.02
C SER D 198 16.30 20.61 -33.28
N GLY D 199 15.19 21.21 -32.88
CA GLY D 199 13.89 20.57 -32.99
C GLY D 199 13.52 19.67 -31.84
N LEU D 200 14.34 19.60 -30.80
CA LEU D 200 14.08 18.81 -29.61
C LEU D 200 13.70 19.73 -28.45
N TYR D 201 13.01 19.15 -27.46
CA TYR D 201 12.58 19.89 -26.29
C TYR D 201 13.61 19.78 -25.17
N SER D 202 13.55 20.75 -24.25
CA SER D 202 14.40 20.74 -23.07
C SER D 202 13.73 21.58 -21.99
N LEU D 203 13.86 21.13 -20.74
CA LEU D 203 13.39 21.91 -19.61
C LEU D 203 14.26 21.58 -18.39
N SER D 204 14.16 22.44 -17.39
CA SER D 204 14.77 22.22 -16.09
C SER D 204 13.71 22.26 -15.01
N SER D 205 13.94 21.49 -13.95
CA SER D 205 13.09 21.49 -12.77
C SER D 205 13.98 21.81 -11.58
N VAL D 206 13.69 22.91 -10.90
CA VAL D 206 14.49 23.38 -9.77
C VAL D 206 13.64 23.34 -8.51
N VAL D 207 14.34 23.37 -7.37
CA VAL D 207 13.70 23.48 -6.06
C VAL D 207 14.63 24.22 -5.13
N THR D 208 14.08 25.18 -4.38
CA THR D 208 14.83 25.87 -3.34
C THR D 208 14.65 25.14 -2.01
N VAL D 209 15.69 25.17 -1.19
CA VAL D 209 15.74 24.30 -0.02
C VAL D 209 16.69 24.92 1.00
N PRO D 210 16.49 24.67 2.30
CA PRO D 210 17.43 25.20 3.31
C PRO D 210 18.86 24.75 3.07
N SER D 211 19.79 25.69 3.17
CA SER D 211 21.19 25.39 2.92
C SER D 211 21.80 24.55 4.03
N SER D 212 21.31 24.71 5.27
CA SER D 212 21.85 23.95 6.38
C SER D 212 21.65 22.45 6.22
N SER D 213 20.62 22.05 5.49
CA SER D 213 20.25 20.65 5.37
C SER D 213 20.77 20.00 4.08
N LEU D 214 21.87 20.52 3.51
CA LEU D 214 22.37 19.99 2.25
C LEU D 214 23.07 18.66 2.46
N GLY D 215 24.11 18.63 3.29
CA GLY D 215 24.88 17.42 3.48
C GLY D 215 24.21 16.33 4.29
N THR D 216 22.95 16.51 4.69
CA THR D 216 22.26 15.50 5.49
C THR D 216 20.99 14.97 4.85
N GLN D 217 20.36 15.72 3.95
CA GLN D 217 19.09 15.34 3.35
C GLN D 217 19.29 15.05 1.87
N THR D 218 18.58 14.04 1.38
CA THR D 218 18.73 13.54 0.02
C THR D 218 17.62 14.09 -0.87
N TYR D 219 18.00 14.59 -2.04
CA TYR D 219 17.07 15.16 -3.02
C TYR D 219 17.24 14.42 -4.34
N ILE D 220 16.18 13.78 -4.80
CA ILE D 220 16.19 12.95 -6.00
C ILE D 220 15.08 13.45 -6.91
N CYS D 221 15.44 13.84 -8.14
CA CYS D 221 14.45 14.21 -9.14
C CYS D 221 14.04 12.97 -9.92
N ASN D 222 12.74 12.81 -10.12
CA ASN D 222 12.17 11.64 -10.78
C ASN D 222 11.60 12.10 -12.12
N VAL D 223 12.25 11.68 -13.20
CA VAL D 223 11.91 12.14 -14.55
C VAL D 223 11.20 11.01 -15.27
N ASN D 224 10.13 11.36 -16.00
CA ASN D 224 9.35 10.41 -16.77
C ASN D 224 9.11 11.00 -18.15
N HIS D 225 9.56 10.30 -19.19
CA HIS D 225 9.20 10.60 -20.57
C HIS D 225 8.57 9.33 -21.12
N LYS D 226 7.26 9.19 -20.92
CA LYS D 226 6.58 7.96 -21.29
C LYS D 226 6.62 7.62 -22.77
N PRO D 227 6.57 8.57 -23.73
CA PRO D 227 6.74 8.18 -25.15
C PRO D 227 8.00 7.38 -25.41
N SER D 228 9.07 7.64 -24.68
CA SER D 228 10.33 6.93 -24.84
C SER D 228 10.56 5.92 -23.73
N ASN D 229 9.57 5.71 -22.86
CA ASN D 229 9.67 4.77 -21.75
C ASN D 229 10.81 5.11 -20.80
N THR D 230 11.10 6.40 -20.66
CA THR D 230 12.21 6.87 -19.84
C THR D 230 11.74 7.09 -18.40
N LYS D 231 12.43 6.45 -17.46
CA LYS D 231 12.21 6.71 -16.03
C LYS D 231 13.58 6.76 -15.36
N VAL D 232 14.01 7.96 -14.98
CA VAL D 232 15.31 8.18 -14.38
C VAL D 232 15.11 8.89 -13.05
N ASP D 233 15.73 8.36 -11.99
CA ASP D 233 15.79 9.01 -10.69
C ASP D 233 17.24 9.42 -10.46
N LYS D 234 17.49 10.72 -10.49
CA LYS D 234 18.83 11.28 -10.36
C LYS D 234 18.96 11.99 -9.03
N LYS D 235 19.98 11.60 -8.26
CA LYS D 235 20.22 12.24 -6.97
C LYS D 235 21.19 13.40 -7.16
N VAL D 236 20.76 14.60 -6.79
CA VAL D 236 21.48 15.83 -7.06
C VAL D 236 22.24 16.22 -5.80
N GLU D 237 23.56 16.12 -5.84
CA GLU D 237 24.39 16.45 -4.70
C GLU D 237 25.15 17.74 -4.96
N PRO D 238 25.24 18.64 -3.98
CA PRO D 238 26.02 19.86 -4.18
C PRO D 238 27.48 19.52 -4.45
N LYS D 239 28.08 20.26 -5.38
CA LYS D 239 29.42 19.92 -5.83
C LYS D 239 30.45 20.32 -4.79
N SER D 240 31.41 19.43 -4.57
CA SER D 240 32.54 19.70 -3.69
C SER D 240 33.82 19.34 -4.44
N CYS D 241 34.94 19.90 -3.99
CA CYS D 241 36.23 19.50 -4.52
C CYS D 241 36.56 18.12 -3.96
N ASP D 242 36.37 17.10 -4.79
CA ASP D 242 36.54 15.72 -4.35
C ASP D 242 37.52 14.93 -5.21
N GLY D 243 38.25 15.59 -6.10
CA GLY D 243 39.24 14.93 -6.93
C GLY D 243 38.69 14.06 -8.06
N ASP E 11 -23.09 26.19 -33.81
CA ASP E 11 -23.06 26.49 -32.39
C ASP E 11 -23.19 27.99 -32.10
N ILE E 12 -23.55 28.32 -30.86
CA ILE E 12 -23.75 29.70 -30.46
C ILE E 12 -22.41 30.34 -30.11
N GLN E 13 -22.18 31.55 -30.59
CA GLN E 13 -20.92 32.23 -30.36
C GLN E 13 -20.95 32.94 -29.01
N MET E 14 -19.97 32.62 -28.17
CA MET E 14 -19.84 33.17 -26.82
C MET E 14 -18.57 34.03 -26.76
N THR E 15 -18.70 35.25 -26.25
CA THR E 15 -17.56 36.15 -26.09
C THR E 15 -17.48 36.67 -24.66
N GLN E 16 -16.27 36.77 -24.13
CA GLN E 16 -16.04 37.24 -22.78
C GLN E 16 -15.32 38.59 -22.80
N SER E 17 -15.46 39.31 -21.69
CA SER E 17 -14.73 40.56 -21.52
C SER E 17 -14.54 40.85 -20.03
N PRO E 18 -13.33 41.30 -19.65
CA PRO E 18 -12.14 41.45 -20.49
C PRO E 18 -11.58 40.11 -20.93
N SER E 19 -10.66 40.11 -21.90
CA SER E 19 -9.95 38.89 -22.26
C SER E 19 -8.85 38.55 -21.27
N SER E 20 -8.38 39.52 -20.51
CA SER E 20 -7.40 39.27 -19.47
C SER E 20 -7.40 40.46 -18.53
N LEU E 21 -7.03 40.22 -17.28
CA LEU E 21 -6.97 41.28 -16.30
C LEU E 21 -6.00 40.87 -15.19
N SER E 22 -5.50 41.87 -14.47
CA SER E 22 -4.68 41.65 -13.29
C SER E 22 -5.29 42.46 -12.15
N ALA E 23 -5.45 41.82 -10.99
CA ALA E 23 -6.08 42.44 -9.83
C ALA E 23 -5.38 41.95 -8.57
N SER E 24 -5.49 42.75 -7.51
CA SER E 24 -4.78 42.45 -6.28
C SER E 24 -5.60 41.49 -5.41
N VAL E 25 -4.88 40.77 -4.53
CA VAL E 25 -5.54 39.90 -3.57
C VAL E 25 -6.54 40.71 -2.76
N GLY E 26 -7.75 40.19 -2.61
CA GLY E 26 -8.82 40.88 -1.92
C GLY E 26 -9.72 41.71 -2.81
N ASP E 27 -9.35 41.92 -4.08
CA ASP E 27 -10.18 42.72 -4.98
C ASP E 27 -11.43 41.96 -5.39
N ARG E 28 -12.46 42.73 -5.73
CA ARG E 28 -13.66 42.18 -6.34
C ARG E 28 -13.44 42.17 -7.86
N VAL E 29 -13.59 41.00 -8.48
CA VAL E 29 -13.30 40.83 -9.90
C VAL E 29 -14.56 40.41 -10.63
N THR E 30 -14.83 41.08 -11.74
CA THR E 30 -16.04 40.84 -12.53
C THR E 30 -15.66 40.48 -13.96
N VAL E 31 -16.23 39.40 -14.48
CA VAL E 31 -16.03 38.96 -15.86
C VAL E 31 -17.41 38.80 -16.50
N THR E 32 -17.59 39.37 -17.68
CA THR E 32 -18.86 39.27 -18.40
C THR E 32 -18.75 38.28 -19.55
N CYS E 33 -19.88 37.68 -19.90
CA CYS E 33 -19.96 36.74 -21.01
C CYS E 33 -21.22 37.04 -21.78
N ARG E 34 -21.09 37.16 -23.10
CA ARG E 34 -22.20 37.48 -23.99
C ARG E 34 -22.43 36.32 -24.94
N ALA E 35 -23.68 35.88 -25.04
CA ALA E 35 -24.10 34.87 -26.01
C ALA E 35 -24.70 35.55 -27.23
N GLY E 36 -24.31 35.08 -28.41
CA GLY E 36 -24.85 35.64 -29.64
C GLY E 36 -26.34 35.41 -29.82
N GLN E 37 -26.88 34.37 -29.20
CA GLN E 37 -28.31 34.09 -29.21
C GLN E 37 -28.75 33.78 -27.79
N GLY E 38 -30.04 33.93 -27.54
CA GLY E 38 -30.60 33.70 -26.22
C GLY E 38 -30.39 32.27 -25.77
N VAL E 39 -29.92 32.10 -24.53
CA VAL E 39 -29.61 30.76 -24.01
C VAL E 39 -30.28 30.59 -22.66
N SER E 40 -31.26 31.45 -22.36
CA SER E 40 -31.99 31.43 -21.08
C SER E 40 -30.95 31.59 -19.97
N ASN E 41 -31.03 30.81 -18.89
CA ASN E 41 -30.02 30.81 -17.84
C ASN E 41 -29.17 29.55 -17.85
N TYR E 42 -28.94 28.98 -19.05
CA TYR E 42 -28.09 27.80 -19.20
C TYR E 42 -26.67 28.26 -19.52
N LEU E 43 -26.03 28.85 -18.52
CA LEU E 43 -24.69 29.39 -18.66
C LEU E 43 -23.82 28.84 -17.54
N SER E 44 -22.65 28.32 -17.91
CA SER E 44 -21.73 27.73 -16.95
C SER E 44 -20.39 28.48 -16.96
N TRP E 45 -19.68 28.41 -15.84
CA TRP E 45 -18.38 29.04 -15.70
C TRP E 45 -17.36 27.99 -15.29
N TYR E 46 -16.21 28.00 -15.95
CA TYR E 46 -15.15 27.03 -15.69
C TYR E 46 -13.87 27.76 -15.28
N GLN E 47 -13.11 27.12 -14.39
CA GLN E 47 -11.79 27.60 -13.98
C GLN E 47 -10.75 26.58 -14.44
N GLN E 48 -9.78 27.02 -15.23
CA GLN E 48 -8.69 26.14 -15.67
C GLN E 48 -7.37 26.74 -15.26
N LYS E 49 -6.68 26.08 -14.35
CA LYS E 49 -5.33 26.47 -14.03
C LYS E 49 -4.37 25.87 -15.07
N PRO E 50 -3.24 26.56 -15.33
CA PRO E 50 -2.38 26.17 -16.47
C PRO E 50 -2.11 24.69 -16.60
N GLY E 51 -2.51 24.12 -17.73
CA GLY E 51 -2.30 22.71 -18.02
C GLY E 51 -3.26 21.76 -17.35
N LYS E 52 -3.98 22.19 -16.32
CA LYS E 52 -4.84 21.30 -15.56
C LYS E 52 -6.15 21.03 -16.30
N VAL E 53 -6.93 20.11 -15.74
CA VAL E 53 -8.26 19.81 -16.26
C VAL E 53 -9.20 20.96 -15.89
N PRO E 54 -10.01 21.47 -16.82
CA PRO E 54 -10.97 22.52 -16.46
C PRO E 54 -11.93 22.03 -15.39
N LYS E 55 -12.26 22.92 -14.46
CA LYS E 55 -13.15 22.60 -13.36
C LYS E 55 -14.42 23.45 -13.44
N LEU E 56 -15.57 22.80 -13.29
CA LEU E 56 -16.86 23.50 -13.32
C LEU E 56 -17.07 24.23 -12.00
N LEU E 57 -17.22 25.54 -12.07
CA LEU E 57 -17.53 26.33 -10.88
C LEU E 57 -19.02 26.52 -10.69
N ILE E 58 -19.71 26.92 -11.77
CA ILE E 58 -21.11 27.34 -11.72
C ILE E 58 -21.81 26.82 -12.96
N TYR E 59 -23.02 26.27 -12.77
CA TYR E 59 -23.90 25.90 -13.87
C TYR E 59 -25.24 26.58 -13.65
N LYS E 60 -26.08 26.57 -14.70
CA LYS E 60 -27.36 27.28 -14.71
C LYS E 60 -27.19 28.71 -14.20
N ALA E 61 -26.15 29.39 -14.71
CA ALA E 61 -25.90 30.81 -14.47
C ALA E 61 -25.48 31.15 -13.04
N SER E 62 -26.05 30.46 -12.04
CA SER E 62 -25.85 30.88 -10.66
C SER E 62 -25.71 29.74 -9.66
N SER E 63 -25.89 28.49 -10.06
CA SER E 63 -25.78 27.37 -9.13
C SER E 63 -24.32 26.97 -9.00
N LEU E 64 -23.86 26.89 -7.77
CA LEU E 64 -22.47 26.53 -7.51
C LEU E 64 -22.32 25.02 -7.49
N GLN E 65 -21.33 24.51 -8.23
CA GLN E 65 -20.99 23.10 -8.13
C GLN E 65 -20.51 22.81 -6.71
N SER E 66 -20.73 21.57 -6.27
CA SER E 66 -20.35 21.18 -4.91
C SER E 66 -18.86 21.40 -4.67
N GLY E 67 -18.53 22.00 -3.53
CA GLY E 67 -17.15 22.24 -3.15
C GLY E 67 -16.57 23.54 -3.64
N VAL E 68 -17.28 24.30 -4.44
CA VAL E 68 -16.77 25.57 -4.97
C VAL E 68 -16.88 26.64 -3.88
N PRO E 69 -15.81 27.40 -3.62
CA PRO E 69 -15.88 28.43 -2.59
C PRO E 69 -16.97 29.45 -2.89
N SER E 70 -17.52 30.03 -1.83
CA SER E 70 -18.65 30.94 -1.94
C SER E 70 -18.26 32.31 -2.49
N ARG E 71 -16.98 32.65 -2.55
CA ARG E 71 -16.61 33.91 -3.19
C ARG E 71 -16.88 33.91 -4.69
N PHE E 72 -17.19 32.76 -5.29
CA PHE E 72 -17.61 32.71 -6.69
C PHE E 72 -19.13 32.77 -6.74
N SER E 73 -19.67 33.63 -7.60
CA SER E 73 -21.10 33.66 -7.86
C SER E 73 -21.34 34.12 -9.28
N GLY E 74 -22.48 33.71 -9.84
CA GLY E 74 -22.84 34.06 -11.19
C GLY E 74 -24.23 34.66 -11.24
N SER E 75 -24.46 35.47 -12.27
CA SER E 75 -25.74 36.10 -12.50
C SER E 75 -25.97 36.24 -13.99
N GLY E 76 -27.24 36.44 -14.36
CA GLY E 76 -27.60 36.75 -15.73
C GLY E 76 -28.59 35.77 -16.32
N SER E 77 -29.30 36.20 -17.36
CA SER E 77 -30.22 35.33 -18.09
C SER E 77 -30.43 35.93 -19.48
N GLY E 78 -30.56 35.06 -20.46
CA GLY E 78 -30.74 35.53 -21.83
C GLY E 78 -29.42 35.56 -22.58
N THR E 79 -28.81 36.75 -22.70
CA THR E 79 -27.58 36.91 -23.45
C THR E 79 -26.43 37.54 -22.65
N GLU E 80 -26.68 38.08 -21.46
CA GLU E 80 -25.66 38.78 -20.68
C GLU E 80 -25.50 38.10 -19.34
N PHE E 81 -24.27 37.66 -19.05
CA PHE E 81 -23.98 36.94 -17.82
C PHE E 81 -22.72 37.52 -17.18
N THR E 82 -22.57 37.28 -15.88
CA THR E 82 -21.48 37.85 -15.11
C THR E 82 -20.97 36.84 -14.09
N LEU E 83 -19.65 36.66 -14.06
CA LEU E 83 -18.98 35.91 -13.01
C LEU E 83 -18.37 36.93 -12.05
N THR E 84 -18.59 36.73 -10.75
CA THR E 84 -18.03 37.62 -9.74
C THR E 84 -17.19 36.83 -8.75
N ILE E 85 -15.94 37.25 -8.56
CA ILE E 85 -15.09 36.77 -7.48
C ILE E 85 -15.04 37.87 -6.44
N SER E 86 -15.67 37.64 -5.28
CA SER E 86 -15.88 38.74 -4.34
C SER E 86 -14.58 39.19 -3.70
N SER E 87 -13.69 38.27 -3.36
CA SER E 87 -12.40 38.59 -2.76
C SER E 87 -11.35 37.71 -3.43
N LEU E 88 -10.57 38.30 -4.33
CA LEU E 88 -9.62 37.53 -5.13
C LEU E 88 -8.51 36.95 -4.24
N GLN E 89 -8.25 35.66 -4.42
CA GLN E 89 -7.21 34.94 -3.68
C GLN E 89 -6.05 34.58 -4.59
N PRO E 90 -4.84 34.41 -4.03
CA PRO E 90 -3.70 34.04 -4.90
C PRO E 90 -3.95 32.79 -5.72
N GLU E 91 -4.62 31.79 -5.16
CA GLU E 91 -4.88 30.55 -5.89
C GLU E 91 -5.97 30.71 -6.96
N ASP E 92 -6.60 31.86 -7.08
CA ASP E 92 -7.60 32.08 -8.13
C ASP E 92 -6.98 32.41 -9.48
N PHE E 93 -5.66 32.53 -9.54
CA PHE E 93 -4.97 32.65 -10.82
C PHE E 93 -5.35 31.50 -11.74
N ALA E 94 -5.97 31.82 -12.87
CA ALA E 94 -6.48 30.84 -13.81
C ALA E 94 -7.08 31.57 -15.00
N THR E 95 -7.42 30.81 -16.03
CA THR E 95 -8.27 31.30 -17.12
C THR E 95 -9.70 30.84 -16.87
N TYR E 96 -10.65 31.77 -16.98
CA TYR E 96 -12.06 31.50 -16.71
C TYR E 96 -12.85 31.51 -18.02
N TYR E 97 -13.62 30.44 -18.24
CA TYR E 97 -14.41 30.28 -19.46
C TYR E 97 -15.89 30.21 -19.13
N CYS E 98 -16.70 30.86 -19.94
CA CYS E 98 -18.13 30.61 -19.87
C CYS E 98 -18.49 29.55 -20.90
N LEU E 99 -19.59 28.84 -20.63
CA LEU E 99 -20.05 27.78 -21.51
C LEU E 99 -21.57 27.83 -21.57
N GLN E 100 -22.10 27.99 -22.77
CA GLN E 100 -23.52 27.81 -23.01
C GLN E 100 -23.85 26.32 -23.03
N HIS E 101 -24.75 25.88 -22.14
CA HIS E 101 -25.20 24.49 -22.17
C HIS E 101 -26.71 24.42 -22.39
N ASN E 102 -27.22 25.28 -23.26
CA ASN E 102 -28.65 25.31 -23.56
C ASN E 102 -29.02 24.48 -24.77
N ILE E 103 -28.10 24.29 -25.71
CA ILE E 103 -28.38 23.52 -26.92
C ILE E 103 -27.08 22.97 -27.47
N HIS E 104 -27.09 21.68 -27.82
CA HIS E 104 -25.91 21.07 -28.42
C HIS E 104 -25.69 21.63 -29.83
N PRO E 105 -24.42 21.86 -30.20
CA PRO E 105 -23.24 21.62 -29.36
C PRO E 105 -22.96 22.76 -28.39
N TYR E 106 -22.70 22.43 -27.13
CA TYR E 106 -22.30 23.42 -26.14
C TYR E 106 -21.02 24.11 -26.59
N SER E 107 -20.92 25.42 -26.31
CA SER E 107 -19.86 26.24 -26.89
C SER E 107 -19.25 27.15 -25.83
N PHE E 108 -17.91 27.25 -25.86
CA PHE E 108 -17.12 28.00 -24.88
C PHE E 108 -16.88 29.43 -25.35
N GLY E 109 -16.78 30.35 -24.39
CA GLY E 109 -16.18 31.64 -24.66
C GLY E 109 -14.69 31.49 -24.86
N GLN E 110 -14.05 32.58 -25.30
CA GLN E 110 -12.63 32.52 -25.60
C GLN E 110 -11.76 32.50 -24.34
N GLY E 111 -12.35 32.69 -23.16
CA GLY E 111 -11.57 32.65 -21.93
C GLY E 111 -11.14 34.01 -21.43
N THR E 112 -11.13 34.16 -20.10
CA THR E 112 -10.62 35.35 -19.44
C THR E 112 -9.54 34.92 -18.46
N LYS E 113 -8.32 35.38 -18.68
CA LYS E 113 -7.19 34.97 -17.86
C LYS E 113 -6.96 36.03 -16.79
N VAL E 114 -7.00 35.61 -15.53
CA VAL E 114 -6.92 36.50 -14.39
C VAL E 114 -5.52 36.37 -13.80
N GLU E 115 -4.74 37.45 -13.88
CA GLU E 115 -3.41 37.49 -13.26
CA GLU E 115 -3.42 37.47 -13.25
C GLU E 115 -3.50 38.17 -11.90
N ILE E 116 -2.61 37.80 -11.01
CA ILE E 116 -2.58 38.36 -9.65
C ILE E 116 -1.55 39.48 -9.61
N LYS E 117 -1.99 40.66 -9.22
CA LYS E 117 -1.08 41.80 -9.04
C LYS E 117 -0.59 41.80 -7.60
N ARG E 118 0.73 41.76 -7.42
CA ARG E 118 1.34 41.76 -6.10
C ARG E 118 2.44 42.82 -6.05
N THR E 119 3.06 42.97 -4.89
CA THR E 119 4.14 43.93 -4.75
C THR E 119 5.40 43.45 -5.47
N VAL E 120 6.31 44.39 -5.70
CA VAL E 120 7.55 44.08 -6.42
C VAL E 120 8.41 43.17 -5.56
N ALA E 121 8.94 42.11 -6.18
CA ALA E 121 9.79 41.14 -5.50
C ALA E 121 11.02 40.90 -6.36
N ALA E 122 12.20 41.10 -5.78
CA ALA E 122 13.46 40.87 -6.50
C ALA E 122 13.73 39.37 -6.58
N PRO E 123 14.28 38.90 -7.70
CA PRO E 123 14.59 37.47 -7.81
C PRO E 123 15.79 37.08 -6.97
N SER E 124 15.74 35.87 -6.42
CA SER E 124 16.93 35.23 -5.89
C SER E 124 17.61 34.51 -7.05
N VAL E 125 18.84 34.92 -7.36
CA VAL E 125 19.54 34.45 -8.55
C VAL E 125 20.50 33.33 -8.15
N PHE E 126 20.52 32.28 -8.96
CA PHE E 126 21.46 31.17 -8.80
C PHE E 126 21.99 30.82 -10.18
N ILE E 127 23.20 30.25 -10.21
CA ILE E 127 23.81 29.80 -11.45
C ILE E 127 24.35 28.39 -11.25
N PHE E 128 24.20 27.56 -12.28
CA PHE E 128 24.63 26.17 -12.22
C PHE E 128 25.64 25.91 -13.34
N PRO E 129 26.84 25.46 -13.02
CA PRO E 129 27.76 25.00 -14.07
C PRO E 129 27.25 23.72 -14.69
N PRO E 130 27.75 23.37 -15.88
CA PRO E 130 27.35 22.09 -16.48
C PRO E 130 27.86 20.93 -15.63
N SER E 131 27.15 19.81 -15.72
CA SER E 131 27.57 18.61 -15.01
C SER E 131 28.75 17.96 -15.73
N ASP E 132 29.55 17.21 -14.96
CA ASP E 132 30.63 16.45 -15.58
C ASP E 132 30.07 15.42 -16.56
N GLU E 133 28.91 14.84 -16.24
CA GLU E 133 28.32 13.84 -17.13
C GLU E 133 28.04 14.42 -18.51
N GLN E 134 27.45 15.62 -18.55
CA GLN E 134 27.16 16.24 -19.84
C GLN E 134 28.43 16.66 -20.57
N LEU E 135 29.45 17.11 -19.83
CA LEU E 135 30.68 17.58 -20.46
C LEU E 135 31.32 16.49 -21.31
N LYS E 136 31.26 15.24 -20.83
CA LYS E 136 31.89 14.14 -21.53
C LYS E 136 31.16 13.79 -22.82
N SER E 137 29.91 14.20 -22.98
CA SER E 137 29.16 13.99 -24.22
C SER E 137 29.45 15.05 -25.27
N GLY E 138 30.20 16.11 -24.93
CA GLY E 138 30.60 17.11 -25.92
C GLY E 138 29.89 18.45 -25.82
N THR E 139 28.95 18.63 -24.90
CA THR E 139 28.18 19.86 -24.78
C THR E 139 28.15 20.32 -23.34
N ALA E 140 28.16 21.64 -23.14
CA ALA E 140 28.03 22.24 -21.82
C ALA E 140 26.79 23.13 -21.80
N SER E 141 25.93 22.92 -20.81
CA SER E 141 24.75 23.73 -20.57
C SER E 141 24.92 24.48 -19.26
N VAL E 142 24.93 25.81 -19.33
CA VAL E 142 25.03 26.67 -18.16
C VAL E 142 23.65 27.26 -17.90
N VAL E 143 23.13 27.05 -16.69
CA VAL E 143 21.76 27.44 -16.34
C VAL E 143 21.81 28.53 -15.29
N CYS E 144 21.07 29.61 -15.53
CA CYS E 144 20.91 30.70 -14.58
C CYS E 144 19.46 30.75 -14.14
N LEU E 145 19.24 30.74 -12.83
CA LEU E 145 17.90 30.71 -12.26
C LEU E 145 17.58 32.05 -11.61
N LEU E 146 16.43 32.63 -11.99
CA LEU E 146 15.84 33.77 -11.32
C LEU E 146 14.58 33.27 -10.62
N ASN E 147 14.56 33.36 -9.29
CA ASN E 147 13.53 32.66 -8.50
C ASN E 147 12.62 33.65 -7.79
N ASN E 148 11.31 33.43 -7.93
CA ASN E 148 10.26 34.10 -7.14
C ASN E 148 10.35 35.62 -7.23
N PHE E 149 10.21 36.14 -8.45
CA PHE E 149 10.25 37.58 -8.66
C PHE E 149 8.90 38.07 -9.20
N TYR E 150 8.76 39.39 -9.20
CA TYR E 150 7.56 40.06 -9.70
C TYR E 150 7.91 41.54 -9.87
N PRO E 151 7.50 42.15 -11.01
CA PRO E 151 6.72 41.57 -12.11
C PRO E 151 7.52 40.66 -13.04
N ARG E 152 6.89 40.24 -14.13
CA ARG E 152 7.45 39.21 -15.01
C ARG E 152 8.67 39.71 -15.78
N GLU E 153 8.73 41.00 -16.10
CA GLU E 153 9.80 41.50 -16.93
C GLU E 153 11.13 41.43 -16.19
N ALA E 154 12.11 40.82 -16.85
CA ALA E 154 13.47 40.69 -16.32
C ALA E 154 14.42 40.55 -17.50
N LYS E 155 15.66 40.97 -17.30
CA LYS E 155 16.67 40.84 -18.34
C LYS E 155 17.84 40.03 -17.77
N VAL E 156 18.26 39.02 -18.52
CA VAL E 156 19.37 38.16 -18.16
C VAL E 156 20.47 38.35 -19.19
N GLN E 157 21.69 38.62 -18.73
CA GLN E 157 22.83 38.86 -19.60
C GLN E 157 23.95 37.90 -19.23
N TRP E 158 24.40 37.12 -20.20
CA TRP E 158 25.52 36.21 -19.98
C TRP E 158 26.84 36.92 -20.28
N LYS E 159 27.84 36.63 -19.47
CA LYS E 159 29.17 37.20 -19.65
C LYS E 159 30.20 36.12 -19.35
N VAL E 160 31.00 35.77 -20.36
CA VAL E 160 32.02 34.74 -20.24
C VAL E 160 33.37 35.43 -20.27
N ASP E 161 34.11 35.37 -19.15
CA ASP E 161 35.34 36.14 -18.98
C ASP E 161 35.10 37.61 -19.29
N ASN E 162 33.99 38.15 -18.77
CA ASN E 162 33.59 39.55 -18.95
C ASN E 162 33.36 39.90 -20.41
N ALA E 163 33.17 38.90 -21.27
CA ALA E 163 32.80 39.11 -22.67
C ALA E 163 31.34 38.74 -22.84
N LEU E 164 30.57 39.65 -23.44
CA LEU E 164 29.12 39.48 -23.51
C LEU E 164 28.73 38.33 -24.42
N GLN E 165 27.58 37.74 -24.10
CA GLN E 165 26.92 36.79 -24.97
C GLN E 165 25.44 37.18 -25.15
N ASN E 168 23.18 31.54 -28.02
CA ASN E 168 23.21 30.16 -27.53
C ASN E 168 22.48 30.05 -26.20
N SER E 169 21.58 30.99 -25.95
CA SER E 169 20.81 31.03 -24.71
C SER E 169 19.32 31.09 -25.03
N GLN E 170 18.53 30.35 -24.26
CA GLN E 170 17.08 30.37 -24.34
C GLN E 170 16.50 30.55 -22.95
N GLU E 171 15.35 31.22 -22.89
CA GLU E 171 14.67 31.53 -21.64
C GLU E 171 13.38 30.75 -21.53
N SER E 172 12.98 30.47 -20.28
CA SER E 172 11.72 29.82 -19.99
C SER E 172 11.20 30.42 -18.70
N VAL E 173 9.90 30.73 -18.64
CA VAL E 173 9.28 31.39 -17.50
C VAL E 173 8.10 30.55 -17.03
N THR E 174 8.00 30.34 -15.72
CA THR E 174 6.87 29.61 -15.17
C THR E 174 5.61 30.47 -15.20
N GLU E 175 4.47 29.82 -14.99
CA GLU E 175 3.23 30.53 -14.76
C GLU E 175 3.23 31.09 -13.33
N GLN E 176 2.35 32.06 -13.10
CA GLN E 176 2.28 32.72 -11.80
C GLN E 176 2.05 31.70 -10.70
N ASP E 177 2.82 31.78 -9.63
CA ASP E 177 2.73 30.83 -8.53
C ASP E 177 1.40 30.97 -7.81
N SER E 178 0.78 29.83 -7.47
CA SER E 178 -0.56 29.84 -6.90
C SER E 178 -0.59 30.27 -5.44
N LYS E 179 0.55 30.56 -4.82
CA LYS E 179 0.60 30.93 -3.41
C LYS E 179 1.19 32.31 -3.17
N ASP E 180 2.34 32.64 -3.79
CA ASP E 180 2.93 33.96 -3.63
C ASP E 180 2.83 34.83 -4.88
N SER E 181 2.25 34.31 -5.96
CA SER E 181 1.96 35.08 -7.18
C SER E 181 3.23 35.55 -7.89
N THR E 182 4.36 34.88 -7.66
CA THR E 182 5.61 35.25 -8.30
C THR E 182 5.87 34.41 -9.54
N TYR E 183 6.91 34.80 -10.29
CA TYR E 183 7.41 34.09 -11.44
C TYR E 183 8.82 33.60 -11.17
N SER E 184 9.24 32.60 -11.93
CA SER E 184 10.62 32.14 -11.95
C SER E 184 11.06 31.97 -13.39
N LEU E 185 12.33 32.23 -13.66
CA LEU E 185 12.87 32.22 -15.01
C LEU E 185 14.18 31.42 -15.04
N SER E 186 14.36 30.65 -16.10
CA SER E 186 15.61 29.94 -16.34
C SER E 186 16.19 30.40 -17.66
N SER E 187 17.49 30.62 -17.67
CA SER E 187 18.23 30.96 -18.89
C SER E 187 19.34 29.94 -19.06
N THR E 188 19.29 29.20 -20.16
CA THR E 188 20.20 28.09 -20.40
C THR E 188 21.17 28.49 -21.51
N LEU E 189 22.46 28.56 -21.15
CA LEU E 189 23.52 28.83 -22.11
C LEU E 189 24.11 27.50 -22.57
N THR E 190 24.11 27.29 -23.89
CA THR E 190 24.58 26.04 -24.48
C THR E 190 25.87 26.29 -25.25
N LEU E 191 26.93 25.55 -24.88
CA LEU E 191 28.24 25.69 -25.51
C LEU E 191 28.79 24.32 -25.86
N SER E 192 29.70 24.30 -26.84
CA SER E 192 30.45 23.09 -27.11
C SER E 192 31.45 22.84 -25.98
N LYS E 193 31.88 21.58 -25.86
CA LYS E 193 32.84 21.23 -24.81
C LYS E 193 34.10 22.06 -24.93
N ALA E 194 34.63 22.19 -26.16
CA ALA E 194 35.87 22.95 -26.37
C ALA E 194 35.65 24.43 -26.10
N ASP E 195 34.51 24.99 -26.54
CA ASP E 195 34.24 26.39 -26.26
C ASP E 195 34.11 26.64 -24.76
N TYR E 196 33.50 25.70 -24.04
CA TYR E 196 33.37 25.86 -22.60
C TYR E 196 34.72 25.85 -21.90
N GLU E 197 35.68 25.10 -22.44
CA GLU E 197 36.94 24.85 -21.76
C GLU E 197 38.01 25.90 -22.06
N LYS E 198 37.76 26.82 -22.98
CA LYS E 198 38.73 27.89 -23.23
C LYS E 198 38.46 29.14 -22.39
N HIS E 199 37.47 29.10 -21.50
CA HIS E 199 37.19 30.23 -20.61
C HIS E 199 37.01 29.73 -19.18
N LYS E 200 37.16 30.64 -18.23
CA LYS E 200 37.14 30.27 -16.82
C LYS E 200 35.96 30.83 -16.04
N VAL E 201 35.57 32.08 -16.27
CA VAL E 201 34.56 32.77 -15.47
C VAL E 201 33.28 32.89 -16.28
N TYR E 202 32.22 32.27 -15.80
CA TYR E 202 30.90 32.35 -16.42
C TYR E 202 29.98 33.09 -15.46
N ALA E 203 29.35 34.15 -15.95
CA ALA E 203 28.58 35.05 -15.09
C ALA E 203 27.19 35.27 -15.68
N CYS E 204 26.23 35.43 -14.79
CA CYS E 204 24.84 35.73 -15.13
C CYS E 204 24.48 37.04 -14.46
N GLU E 205 24.23 38.08 -15.27
CA GLU E 205 23.88 39.41 -14.78
C GLU E 205 22.37 39.61 -14.93
N VAL E 206 21.70 39.94 -13.84
CA VAL E 206 20.25 40.02 -13.80
C VAL E 206 19.83 41.46 -13.54
N THR E 207 18.96 41.97 -14.40
CA THR E 207 18.36 43.28 -14.23
C THR E 207 16.87 43.11 -13.93
N HIS E 208 16.39 43.78 -12.89
CA HIS E 208 14.98 43.65 -12.51
C HIS E 208 14.54 44.88 -11.72
N GLN E 209 13.25 45.18 -11.82
CA GLN E 209 12.67 46.34 -11.13
C GLN E 209 12.95 46.29 -9.63
N GLY E 210 12.91 45.11 -9.03
CA GLY E 210 13.16 44.97 -7.60
C GLY E 210 14.61 45.05 -7.19
N LEU E 211 15.54 45.18 -8.13
CA LEU E 211 16.96 45.28 -7.84
C LEU E 211 17.41 46.71 -8.08
N SER E 212 17.97 47.34 -7.05
CA SER E 212 18.49 48.70 -7.21
C SER E 212 19.60 48.74 -8.25
N SER E 213 20.54 47.82 -8.18
CA SER E 213 21.59 47.63 -9.17
C SER E 213 21.61 46.19 -9.63
N PRO E 214 22.07 45.92 -10.85
CA PRO E 214 22.03 44.54 -11.37
C PRO E 214 22.84 43.58 -10.51
N VAL E 215 22.31 42.36 -10.35
CA VAL E 215 22.94 41.32 -9.55
C VAL E 215 23.64 40.35 -10.50
N THR E 216 24.88 39.98 -10.16
CA THR E 216 25.67 39.08 -10.96
C THR E 216 26.03 37.86 -10.13
N LYS E 217 25.80 36.67 -10.69
CA LYS E 217 26.21 35.41 -10.10
C LYS E 217 27.17 34.72 -11.05
N SER E 218 28.23 34.13 -10.52
CA SER E 218 29.26 33.56 -11.37
C SER E 218 29.90 32.37 -10.69
N PHE E 219 30.62 31.58 -11.49
CA PHE E 219 31.43 30.48 -11.02
C PHE E 219 32.70 30.40 -11.86
N ASN E 220 33.69 29.67 -11.35
CA ASN E 220 34.93 29.42 -12.06
C ASN E 220 34.95 27.97 -12.53
N ARG E 221 35.21 27.78 -13.83
CA ARG E 221 35.19 26.44 -14.41
C ARG E 221 36.26 25.54 -13.77
N GLY E 222 37.50 26.01 -13.71
CA GLY E 222 38.56 25.20 -13.14
C GLY E 222 38.74 25.42 -11.65
N GLU E 223 37.62 25.35 -10.91
CA GLU E 223 37.64 25.68 -9.48
C GLU E 223 38.25 24.55 -8.66
N CYS E 224 37.78 23.32 -8.89
CA CYS E 224 38.33 22.14 -8.22
C CYS E 224 39.34 21.44 -9.12
N GLY E 225 40.19 20.64 -8.49
CA GLY E 225 41.15 19.82 -9.20
C GLY E 225 41.47 18.55 -8.45
N GLU F 5 -44.14 20.22 -32.92
CA GLU F 5 -45.36 19.88 -32.21
C GLU F 5 -45.94 18.58 -32.78
N ASP F 6 -45.16 17.95 -33.66
CA ASP F 6 -45.40 16.57 -34.06
C ASP F 6 -44.77 15.57 -33.11
N MET F 7 -43.65 15.91 -32.45
CA MET F 7 -43.13 15.05 -31.40
C MET F 7 -44.15 14.88 -30.28
N ARG F 8 -44.85 15.95 -29.94
CA ARG F 8 -45.82 15.93 -28.84
C ARG F 8 -47.09 15.19 -29.24
N GLU F 9 -47.55 15.42 -30.48
CA GLU F 9 -48.74 14.73 -30.97
C GLU F 9 -48.45 13.25 -31.23
N GLU F 10 -47.24 12.93 -31.66
CA GLU F 10 -46.85 11.52 -31.75
C GLU F 10 -47.01 10.83 -30.41
N ALA F 11 -46.72 11.54 -29.30
CA ALA F 11 -46.82 10.93 -27.99
C ALA F 11 -48.25 10.91 -27.47
N ASP F 12 -49.03 11.94 -27.81
CA ASP F 12 -50.41 12.01 -27.32
C ASP F 12 -51.25 10.86 -27.86
N GLU F 13 -51.16 10.62 -29.18
CA GLU F 13 -52.00 9.57 -29.79
C GLU F 13 -51.47 8.17 -29.48
N ASP F 14 -50.17 8.02 -29.21
CA ASP F 14 -49.66 6.72 -28.78
C ASP F 14 -50.34 6.29 -27.48
N PHE F 15 -50.56 7.22 -26.56
CA PHE F 15 -51.24 6.90 -25.32
C PHE F 15 -52.74 6.72 -25.53
N LYS F 16 -53.30 7.39 -26.54
CA LYS F 16 -54.72 7.21 -26.85
C LYS F 16 -54.98 5.83 -27.42
N SER F 17 -54.06 5.31 -28.26
CA SER F 17 -54.20 3.96 -28.76
C SER F 17 -54.12 2.92 -27.64
N PHE F 18 -53.48 3.27 -26.53
CA PHE F 18 -53.38 2.32 -25.41
C PHE F 18 -54.68 2.23 -24.63
N VAL F 19 -55.38 3.36 -24.46
CA VAL F 19 -56.62 3.32 -23.68
C VAL F 19 -57.78 2.78 -24.52
N GLU F 20 -57.84 3.16 -25.80
CA GLU F 20 -58.92 2.66 -26.65
C GLU F 20 -58.75 1.18 -26.97
N ALA F 21 -57.51 0.68 -26.94
CA ALA F 21 -57.33 -0.77 -27.00
C ALA F 21 -57.74 -1.43 -25.69
N ALA F 22 -57.57 -0.73 -24.57
CA ALA F 22 -58.06 -1.24 -23.29
C ALA F 22 -59.58 -1.21 -23.23
N LYS F 23 -60.21 -0.21 -23.87
CA LYS F 23 -61.66 -0.20 -23.96
C LYS F 23 -62.17 -1.39 -24.77
N ASP F 24 -61.50 -1.70 -25.89
CA ASP F 24 -61.88 -2.87 -26.68
C ASP F 24 -61.73 -4.15 -25.87
N ASN F 25 -60.59 -4.33 -25.21
CA ASN F 25 -60.39 -5.52 -24.39
C ASN F 25 -61.44 -5.60 -23.27
N PHE F 26 -61.80 -4.45 -22.70
CA PHE F 26 -62.85 -4.45 -21.68
C PHE F 26 -64.18 -4.95 -22.27
N ASN F 27 -64.63 -4.35 -23.38
CA ASN F 27 -65.86 -4.82 -24.02
C ASN F 27 -65.74 -6.28 -24.43
N LYS F 28 -64.56 -6.68 -24.90
CA LYS F 28 -64.38 -8.05 -25.38
C LYS F 28 -64.52 -9.08 -24.25
N PHE F 29 -64.01 -8.79 -23.05
CA PHE F 29 -64.06 -9.73 -21.93
C PHE F 29 -65.37 -9.68 -21.12
N LYS F 30 -66.32 -8.77 -21.48
CA LYS F 30 -67.68 -8.69 -20.89
C LYS F 30 -68.68 -9.58 -21.59
N ALA F 31 -68.75 -9.45 -22.92
CA ALA F 31 -69.61 -10.27 -23.75
C ALA F 31 -69.21 -11.74 -23.73
N ARG F 32 -68.13 -12.10 -23.03
CA ARG F 32 -67.69 -13.47 -22.86
C ARG F 32 -68.07 -14.03 -21.50
N LEU F 33 -68.68 -13.23 -20.64
CA LEU F 33 -68.95 -13.56 -19.26
C LEU F 33 -70.34 -14.17 -19.07
N ARG F 34 -70.66 -14.51 -17.80
CA ARG F 34 -71.95 -15.01 -17.24
C ARG F 34 -71.84 -16.50 -16.88
N THR F 39 -73.63 -17.87 -9.72
CA THR F 39 -72.55 -17.01 -10.16
C THR F 39 -72.13 -15.82 -9.38
N ARG F 40 -72.48 -15.61 -8.13
CA ARG F 40 -71.90 -14.45 -7.50
C ARG F 40 -70.70 -14.79 -6.62
N GLU F 41 -70.57 -16.07 -6.25
CA GLU F 41 -69.27 -16.64 -5.91
C GLU F 41 -68.34 -16.60 -7.12
N HIS F 42 -68.81 -17.10 -8.28
CA HIS F 42 -68.04 -17.08 -9.52
C HIS F 42 -67.88 -15.70 -10.08
N ARG F 43 -68.25 -14.70 -9.30
CA ARG F 43 -68.12 -13.37 -9.84
C ARG F 43 -66.94 -12.59 -9.28
N GLU F 44 -66.35 -13.00 -8.15
CA GLU F 44 -65.01 -12.46 -7.95
C GLU F 44 -64.06 -13.03 -9.01
N MET F 45 -64.54 -13.15 -10.27
CA MET F 45 -63.72 -13.45 -11.44
C MET F 45 -63.59 -12.25 -12.42
N MET F 46 -64.60 -11.37 -12.52
CA MET F 46 -64.48 -10.09 -13.24
C MET F 46 -63.39 -9.22 -12.70
N LYS F 47 -63.03 -9.38 -11.43
CA LYS F 47 -62.11 -8.46 -10.80
C LYS F 47 -60.69 -8.68 -11.30
N LYS F 48 -60.25 -9.95 -11.36
CA LYS F 48 -58.92 -10.31 -11.88
C LYS F 48 -58.79 -9.86 -13.32
N LEU F 49 -59.79 -10.17 -14.15
CA LEU F 49 -59.67 -9.85 -15.56
C LEU F 49 -59.68 -8.35 -15.81
N ALA F 50 -60.57 -7.62 -15.14
CA ALA F 50 -60.55 -6.16 -15.26
C ALA F 50 -59.27 -5.59 -14.67
N LYS F 51 -58.72 -6.26 -13.67
CA LYS F 51 -57.49 -5.85 -13.03
C LYS F 51 -56.28 -6.23 -13.89
N GLN F 52 -56.21 -7.49 -14.36
CA GLN F 52 -55.09 -7.89 -15.20
C GLN F 52 -55.10 -7.12 -16.52
N ASN F 53 -56.28 -6.75 -17.03
CA ASN F 53 -56.34 -5.97 -18.26
C ASN F 53 -55.89 -4.53 -18.03
N ALA F 54 -56.24 -3.97 -16.86
CA ALA F 54 -55.81 -2.60 -16.56
C ALA F 54 -54.30 -2.51 -16.46
N ASN F 55 -53.63 -3.55 -15.93
CA ASN F 55 -52.18 -3.50 -15.78
C ASN F 55 -51.47 -3.65 -17.10
N LYS F 56 -51.90 -4.61 -17.91
CA LYS F 56 -51.24 -4.81 -19.19
C LYS F 56 -51.33 -3.55 -20.03
N ALA F 57 -52.43 -2.81 -19.93
CA ALA F 57 -52.51 -1.53 -20.62
C ALA F 57 -51.67 -0.47 -19.92
N LYS F 58 -51.60 -0.50 -18.59
CA LYS F 58 -50.82 0.48 -17.86
C LYS F 58 -49.34 0.36 -18.18
N GLU F 59 -48.79 -0.86 -18.06
CA GLU F 59 -47.37 -1.06 -18.34
C GLU F 59 -47.01 -0.80 -19.80
N ALA F 60 -47.97 -0.93 -20.71
CA ALA F 60 -47.74 -0.48 -22.08
C ALA F 60 -47.57 1.04 -22.13
N VAL F 61 -48.27 1.77 -21.26
CA VAL F 61 -48.11 3.22 -21.20
C VAL F 61 -46.75 3.58 -20.63
N ARG F 62 -46.27 2.82 -19.63
CA ARG F 62 -45.05 3.19 -18.92
C ARG F 62 -43.82 3.04 -19.79
N LYS F 63 -43.67 1.88 -20.42
CA LYS F 63 -42.49 1.64 -21.24
C LYS F 63 -42.53 2.47 -22.51
N ARG F 64 -43.73 2.77 -23.02
CA ARG F 64 -43.83 3.78 -24.07
C ARG F 64 -43.39 5.15 -23.55
N LEU F 65 -43.73 5.47 -22.30
CA LEU F 65 -43.27 6.72 -21.72
C LEU F 65 -41.74 6.76 -21.63
N SER F 66 -41.13 5.66 -21.20
CA SER F 66 -39.68 5.62 -21.10
C SER F 66 -39.02 5.74 -22.47
N GLU F 67 -39.70 5.28 -23.53
CA GLU F 67 -39.13 5.38 -24.87
C GLU F 67 -39.22 6.79 -25.43
N LEU F 68 -40.35 7.47 -25.19
CA LEU F 68 -40.50 8.84 -25.66
C LEU F 68 -39.59 9.80 -24.90
N LEU F 69 -39.29 9.51 -23.63
CA LEU F 69 -38.35 10.33 -22.90
C LEU F 69 -36.94 10.20 -23.47
N SER F 70 -36.57 8.99 -23.88
CA SER F 70 -35.30 8.82 -24.60
C SER F 70 -35.31 9.57 -25.92
N LYS F 71 -36.45 9.56 -26.62
CA LYS F 71 -36.56 10.25 -27.90
C LYS F 71 -36.43 11.76 -27.73
N ILE F 72 -37.05 12.30 -26.69
CA ILE F 72 -37.00 13.75 -26.46
C ILE F 72 -35.58 14.20 -26.16
N ASN F 73 -34.86 13.46 -25.32
CA ASN F 73 -33.52 13.88 -24.91
C ASN F 73 -32.52 13.84 -26.06
N ASP F 74 -32.76 13.02 -27.10
CA ASP F 74 -31.85 12.92 -28.23
C ASP F 74 -32.18 13.88 -29.35
N MET F 75 -33.24 14.68 -29.22
CA MET F 75 -33.58 15.64 -30.25
C MET F 75 -32.60 16.82 -30.23
N PRO F 76 -32.36 17.45 -31.39
CA PRO F 76 -31.47 18.62 -31.44
C PRO F 76 -32.18 19.93 -31.11
N ILE F 77 -32.79 19.99 -29.92
CA ILE F 77 -33.51 21.17 -29.47
C ILE F 77 -32.91 21.65 -28.14
N THR F 78 -33.34 22.83 -27.70
CA THR F 78 -32.81 23.40 -26.47
C THR F 78 -33.24 22.57 -25.26
N ASN F 79 -32.45 22.66 -24.20
CA ASN F 79 -32.69 21.84 -23.02
C ASN F 79 -33.92 22.28 -22.26
N ASP F 80 -34.26 23.57 -22.31
CA ASP F 80 -35.50 24.02 -21.68
C ASP F 80 -36.71 23.50 -22.43
N GLN F 81 -36.60 23.34 -23.75
CA GLN F 81 -37.67 22.69 -24.51
C GLN F 81 -37.80 21.22 -24.15
N LYS F 82 -36.67 20.54 -23.94
CA LYS F 82 -36.70 19.13 -23.55
C LYS F 82 -37.34 18.97 -22.18
N LYS F 83 -37.01 19.84 -21.22
CA LYS F 83 -37.66 19.80 -19.93
C LYS F 83 -39.16 20.00 -20.06
N LEU F 84 -39.56 21.00 -20.86
CA LEU F 84 -40.98 21.24 -21.12
C LEU F 84 -41.65 20.02 -21.73
N MET F 85 -41.03 19.42 -22.74
CA MET F 85 -41.67 18.29 -23.40
C MET F 85 -41.64 17.03 -22.55
N SER F 86 -40.64 16.89 -21.68
CA SER F 86 -40.63 15.76 -20.76
C SER F 86 -41.79 15.84 -19.77
N ASN F 87 -42.15 17.05 -19.34
CA ASN F 87 -43.29 17.20 -18.45
C ASN F 87 -44.61 16.94 -19.17
N GLN F 88 -44.70 17.30 -20.45
CA GLN F 88 -45.95 17.16 -21.16
C GLN F 88 -46.26 15.71 -21.49
N VAL F 89 -45.25 14.93 -21.87
CA VAL F 89 -45.49 13.52 -22.14
C VAL F 89 -45.69 12.75 -20.84
N LEU F 90 -45.11 13.24 -19.74
CA LEU F 90 -45.40 12.64 -18.44
C LEU F 90 -46.86 12.83 -18.07
N GLN F 91 -47.44 13.98 -18.42
CA GLN F 91 -48.85 14.23 -18.13
C GLN F 91 -49.76 13.40 -19.03
N PHE F 92 -49.35 13.20 -20.29
CA PHE F 92 -50.10 12.32 -21.18
C PHE F 92 -50.16 10.90 -20.62
N ALA F 93 -49.03 10.39 -20.12
CA ALA F 93 -49.01 9.05 -19.55
C ALA F 93 -49.85 8.97 -18.28
N ASP F 94 -49.80 10.01 -17.45
CA ASP F 94 -50.58 10.00 -16.21
C ASP F 94 -52.07 10.01 -16.51
N ASP F 95 -52.49 10.76 -17.54
CA ASP F 95 -53.91 10.86 -17.86
C ASP F 95 -54.43 9.55 -18.45
N ALA F 96 -53.67 8.94 -19.38
CA ALA F 96 -54.05 7.64 -19.90
C ALA F 96 -54.09 6.60 -18.81
N GLU F 97 -53.28 6.76 -17.76
CA GLU F 97 -53.29 5.81 -16.66
C GLU F 97 -54.55 5.97 -15.82
N ALA F 98 -54.94 7.21 -15.52
CA ALA F 98 -56.18 7.44 -14.80
C ALA F 98 -57.39 7.04 -15.62
N GLU F 99 -57.33 7.23 -16.95
CA GLU F 99 -58.42 6.80 -17.80
C GLU F 99 -58.53 5.28 -17.85
N ILE F 100 -57.40 4.57 -17.78
CA ILE F 100 -57.44 3.12 -17.68
C ILE F 100 -58.02 2.69 -16.35
N ASP F 101 -57.62 3.37 -15.26
CA ASP F 101 -58.23 3.12 -13.96
C ASP F 101 -59.72 3.43 -13.98
N GLN F 102 -60.14 4.37 -14.83
CA GLN F 102 -61.56 4.67 -14.97
C GLN F 102 -62.32 3.45 -15.49
N LEU F 103 -61.82 2.83 -16.56
CA LEU F 103 -62.49 1.66 -17.12
C LEU F 103 -62.50 0.49 -16.15
N ALA F 104 -61.45 0.36 -15.34
CA ALA F 104 -61.40 -0.73 -14.37
C ALA F 104 -62.51 -0.61 -13.34
N ALA F 105 -62.83 0.62 -12.93
CA ALA F 105 -63.90 0.83 -11.95
C ALA F 105 -65.27 0.76 -12.58
N LYS F 106 -65.41 1.23 -13.83
CA LYS F 106 -66.70 1.18 -14.51
C LYS F 106 -67.15 -0.25 -14.78
N ALA F 107 -66.20 -1.17 -14.94
CA ALA F 107 -66.55 -2.56 -15.18
C ALA F 107 -67.16 -3.20 -13.95
N THR F 108 -66.76 -2.76 -12.76
CA THR F 108 -67.30 -3.29 -11.51
C THR F 108 -68.03 -2.21 -10.71
#